data_2OE6
# 
_entry.id   2OE6 
# 
_audit_conform.dict_name       mmcif_pdbx.dic 
_audit_conform.dict_version    5.377 
_audit_conform.dict_location   http://mmcif.pdb.org/dictionaries/ascii/mmcif_pdbx.dic 
# 
loop_
_database_2.database_id 
_database_2.database_code 
_database_2.pdbx_database_accession 
_database_2.pdbx_DOI 
PDB   2OE6         pdb_00002oe6 10.2210/pdb2oe6/pdb 
NDB   AR0072       ?            ?                   
RCSB  RCSB041022   ?            ?                   
WWPDB D_1000041022 ?            ?                   
# 
loop_
_pdbx_database_related.db_name 
_pdbx_database_related.db_id 
_pdbx_database_related.details 
_pdbx_database_related.content_type 
PDB 2OE5 
;1.5 A X-ray crystal structure of Apramycin complex with RNA fragment GGCGUCGCUAGUACCG/GGUACUAAAAGUCGCCC containing the human ribosomal decoding A site: RNA construct with 3'-overhang
;
unspecified 
PDB 2OE8 
;1.8 A X-ray crystal structure of Apramycin complex with RNA fragment     
GGGCGUCGCUAGUACC/CGGUACUAAAAGUCGCC     
containing the human ribosomal decoding A site: RNA construct with 5'-overhang
;
unspecified 
# 
_pdbx_database_status.status_code                     REL 
_pdbx_database_status.entry_id                        2OE6 
_pdbx_database_status.recvd_initial_deposition_date   2006-12-28 
_pdbx_database_status.deposit_site                    RCSB 
_pdbx_database_status.process_site                    RCSB 
_pdbx_database_status.status_code_sf                  REL 
_pdbx_database_status.status_code_mr                  ? 
_pdbx_database_status.SG_entry                        ? 
_pdbx_database_status.pdb_format_compatible           Y 
_pdbx_database_status.status_code_cs                  ? 
_pdbx_database_status.status_code_nmr_data            ? 
_pdbx_database_status.methods_development_category    ? 
# 
loop_
_audit_author.name 
_audit_author.pdbx_ordinal 
'Hermann, T.'  1 
'Tereshko, V.' 2 
'Skripkin, E.' 3 
'Patel, D.J.'  4 
# 
_citation.id                        primary 
_citation.title                     'Apramycin recognition by the human ribosomal decoding site.' 
_citation.journal_abbrev            'Blood Cells Mol.Dis.' 
_citation.journal_volume            38 
_citation.page_first                193 
_citation.page_last                 198 
_citation.year                      2007 
_citation.journal_id_ASTM           ? 
_citation.country                   US 
_citation.journal_id_ISSN           1079-9796 
_citation.journal_id_CSD            ? 
_citation.book_publisher            ? 
_citation.pdbx_database_id_PubMed   17258916 
_citation.pdbx_database_id_DOI      10.1016/j.bcmd.2006.11.006 
# 
loop_
_citation_author.citation_id 
_citation_author.name 
_citation_author.ordinal 
_citation_author.identifier_ORCID 
primary 'Hermann, T.'  1 ? 
primary 'Tereshko, V.' 2 ? 
primary 'Skripkin, E.' 3 ? 
primary 'Patel, D.J.'  4 ? 
# 
_cell.entry_id           2OE6 
_cell.length_a           28.157 
_cell.length_b           36.416 
_cell.length_c           87.325 
_cell.angle_alpha        90.00 
_cell.angle_beta         90.00 
_cell.angle_gamma        90.00 
_cell.Z_PDB              4 
_cell.pdbx_unique_axis   ? 
_cell.length_a_esd       ? 
_cell.length_b_esd       ? 
_cell.length_c_esd       ? 
_cell.angle_alpha_esd    ? 
_cell.angle_beta_esd     ? 
_cell.angle_gamma_esd    ? 
# 
_symmetry.entry_id                         2OE6 
_symmetry.space_group_name_H-M             'P 21 21 21' 
_symmetry.pdbx_full_space_group_name_H-M   ? 
_symmetry.cell_setting                     ? 
_symmetry.Int_Tables_number                19 
_symmetry.space_group_name_Hall            ? 
# 
loop_
_entity.id 
_entity.type 
_entity.src_method 
_entity.pdbx_description 
_entity.formula_weight 
_entity.pdbx_number_of_molecules 
_entity.pdbx_ec 
_entity.pdbx_mutation 
_entity.pdbx_fragment 
_entity.details 
1 polymer syn 
;RNA (5'-R(*GP*GP*GP*CP*GP*UP*CP*GP*CP*UP*AP*GP*UP*AP*CP*C)-3')
;
5129.095 1  ? ? ? ? 
2 polymer syn 
;RNA (5'-R(*CP*GP*GP*UP*AP*CP*UP*AP*AP*AP*AP*GP*UP*CP*GP*CP*C)-3')
;
5426.301 1  ? ? ? ? 
3 water   nat water                                                               18.015   71 ? ? ? ? 
# 
loop_
_entity_poly.entity_id 
_entity_poly.type 
_entity_poly.nstd_linkage 
_entity_poly.nstd_monomer 
_entity_poly.pdbx_seq_one_letter_code 
_entity_poly.pdbx_seq_one_letter_code_can 
_entity_poly.pdbx_strand_id 
_entity_poly.pdbx_target_identifier 
1 polyribonucleotide no no GGGCGUCGCUAGUACC  GGGCGUCGCUAGUACC  A ? 
2 polyribonucleotide no no CGGUACUAAAAGUCGCC CGGUACUAAAAGUCGCC B ? 
# 
loop_
_entity_poly_seq.entity_id 
_entity_poly_seq.num 
_entity_poly_seq.mon_id 
_entity_poly_seq.hetero 
1 1  G n 
1 2  G n 
1 3  G n 
1 4  C n 
1 5  G n 
1 6  U n 
1 7  C n 
1 8  G n 
1 9  C n 
1 10 U n 
1 11 A n 
1 12 G n 
1 13 U n 
1 14 A n 
1 15 C n 
1 16 C n 
2 1  C n 
2 2  G n 
2 3  G n 
2 4  U n 
2 5  A n 
2 6  C n 
2 7  U n 
2 8  A n 
2 9  A n 
2 10 A n 
2 11 A n 
2 12 G n 
2 13 U n 
2 14 C n 
2 15 G n 
2 16 C n 
2 17 C n 
# 
loop_
_pdbx_entity_src_syn.entity_id 
_pdbx_entity_src_syn.pdbx_src_id 
_pdbx_entity_src_syn.pdbx_alt_source_flag 
_pdbx_entity_src_syn.pdbx_beg_seq_num 
_pdbx_entity_src_syn.pdbx_end_seq_num 
_pdbx_entity_src_syn.organism_scientific 
_pdbx_entity_src_syn.organism_common_name 
_pdbx_entity_src_syn.ncbi_taxonomy_id 
_pdbx_entity_src_syn.details 
1 1 sample ? ? ? ? ? 'Chemically synthesized' 
2 1 sample ? ? ? ? ? 'Chemically synthesized' 
# 
loop_
_struct_ref.id 
_struct_ref.entity_id 
_struct_ref.db_name 
_struct_ref.db_code 
_struct_ref.pdbx_db_accession 
_struct_ref.pdbx_db_isoform 
_struct_ref.pdbx_seq_one_letter_code 
_struct_ref.pdbx_align_begin 
1 1 PDB 2OE6 2OE6 ? ? ? 
2 2 PDB 2OE6 2OE6 ? ? ? 
# 
loop_
_struct_ref_seq.align_id 
_struct_ref_seq.ref_id 
_struct_ref_seq.pdbx_PDB_id_code 
_struct_ref_seq.pdbx_strand_id 
_struct_ref_seq.seq_align_beg 
_struct_ref_seq.pdbx_seq_align_beg_ins_code 
_struct_ref_seq.seq_align_end 
_struct_ref_seq.pdbx_seq_align_end_ins_code 
_struct_ref_seq.pdbx_db_accession 
_struct_ref_seq.db_align_beg 
_struct_ref_seq.pdbx_db_align_beg_ins_code 
_struct_ref_seq.db_align_end 
_struct_ref_seq.pdbx_db_align_end_ins_code 
_struct_ref_seq.pdbx_auth_seq_align_beg 
_struct_ref_seq.pdbx_auth_seq_align_end 
1 1 2OE6 A 1 ? 16 ? 2OE6 1  ? 16 ? 1  16 
2 2 2OE6 B 1 ? 17 ? 2OE6 83 ? 99 ? 83 99 
# 
loop_
_chem_comp.id 
_chem_comp.type 
_chem_comp.mon_nstd_flag 
_chem_comp.name 
_chem_comp.pdbx_synonyms 
_chem_comp.formula 
_chem_comp.formula_weight 
A   'RNA linking' y "ADENOSINE-5'-MONOPHOSPHATE" ? 'C10 H14 N5 O7 P' 347.221 
C   'RNA linking' y "CYTIDINE-5'-MONOPHOSPHATE"  ? 'C9 H14 N3 O8 P'  323.197 
G   'RNA linking' y "GUANOSINE-5'-MONOPHOSPHATE" ? 'C10 H14 N5 O8 P' 363.221 
HOH non-polymer   . WATER                        ? 'H2 O'            18.015  
U   'RNA linking' y "URIDINE-5'-MONOPHOSPHATE"   ? 'C9 H13 N2 O9 P'  324.181 
# 
_exptl.entry_id          2OE6 
_exptl.method            'X-RAY DIFFRACTION' 
_exptl.crystals_number   1 
# 
_exptl_crystal.id                    1 
_exptl_crystal.density_meas          ? 
_exptl_crystal.density_Matthews      2.12 
_exptl_crystal.density_percent_sol   42.00 
_exptl_crystal.description           ? 
_exptl_crystal.F_000                 ? 
_exptl_crystal.preparation           ? 
# 
_exptl_crystal_grow.crystal_id      1 
_exptl_crystal_grow.method          'VAPOR DIFFUSION, HANGING DROP' 
_exptl_crystal_grow.temp            298 
_exptl_crystal_grow.temp_details    ? 
_exptl_crystal_grow.pH              5.6 
_exptl_crystal_grow.pdbx_details    
'0.05M MES BUFFER, 15-20% MPD, 0.02-0.04M MAGNESIUM ACETATE, pH 5.6, VAPOR DIFFUSION, HANGING DROP, temperature 298K' 
_exptl_crystal_grow.pdbx_pH_range   . 
# 
loop_
_exptl_crystal_grow_comp.crystal_id 
_exptl_crystal_grow_comp.id 
_exptl_crystal_grow_comp.sol_id 
_exptl_crystal_grow_comp.name 
_exptl_crystal_grow_comp.volume 
_exptl_crystal_grow_comp.conc 
_exptl_crystal_grow_comp.details 
1 1 1 'MES BUFFER'        ? ? ? 
1 2 1 MPD                 ? ? ? 
1 3 1 'MAGNESIUM ACETATE' ? ? ? 
1 4 2 MPD                 ? ? ? 
1 5 2 'MAGNESIUM ACETATE' ? ? ? 
# 
_diffrn.id                     1 
_diffrn.ambient_temp           100 
_diffrn.ambient_temp_details   ? 
_diffrn.crystal_id             1 
# 
_diffrn_detector.diffrn_id              1 
_diffrn_detector.detector               CCD 
_diffrn_detector.type                   'ADSC QUANTUM 4' 
_diffrn_detector.pdbx_collection_date   2000-04-01 
_diffrn_detector.details                ? 
# 
_diffrn_radiation.diffrn_id                        1 
_diffrn_radiation.wavelength_id                    1 
_diffrn_radiation.pdbx_monochromatic_or_laue_m_l   M 
_diffrn_radiation.monochromator                    ? 
_diffrn_radiation.pdbx_diffrn_protocol             'SINGLE WAVELENGTH' 
_diffrn_radiation.pdbx_scattering_type             x-ray 
# 
_diffrn_radiation_wavelength.id           1 
_diffrn_radiation_wavelength.wavelength   1.0000 
_diffrn_radiation_wavelength.wt           1.0 
# 
_diffrn_source.diffrn_id                   1 
_diffrn_source.source                      SYNCHROTRON 
_diffrn_source.type                        'NSLS BEAMLINE X9A' 
_diffrn_source.pdbx_synchrotron_site       NSLS 
_diffrn_source.pdbx_synchrotron_beamline   X9A 
_diffrn_source.pdbx_wavelength             ? 
_diffrn_source.pdbx_wavelength_list        1.0000 
# 
_reflns.entry_id                     2OE6 
_reflns.observed_criterion_sigma_F   0 
_reflns.observed_criterion_sigma_I   0 
_reflns.d_resolution_high            2.4 
_reflns.d_resolution_low             20 
_reflns.number_all                   3649 
_reflns.number_obs                   3649 
_reflns.percent_possible_obs         95.55 
_reflns.pdbx_Rmerge_I_obs            ? 
_reflns.pdbx_Rsym_value              ? 
_reflns.pdbx_netI_over_sigmaI        ? 
_reflns.B_iso_Wilson_estimate        ? 
_reflns.pdbx_redundancy              ? 
_reflns.R_free_details               ? 
_reflns.pdbx_chi_squared             ? 
_reflns.pdbx_scaling_rejects         ? 
_reflns.pdbx_ordinal                 1 
_reflns.pdbx_diffrn_id               1 
# 
_refine.entry_id                                 2OE6 
_refine.ls_number_reflns_obs                     3468 
_refine.ls_number_reflns_all                     ? 
_refine.pdbx_ls_sigma_I                          ? 
_refine.pdbx_ls_sigma_F                          ? 
_refine.pdbx_data_cutoff_high_absF               ? 
_refine.pdbx_data_cutoff_low_absF                ? 
_refine.pdbx_data_cutoff_high_rms_absF           ? 
_refine.ls_d_res_low                             18.73 
_refine.ls_d_res_high                            2.40 
_refine.ls_percent_reflns_obs                    95.55 
_refine.ls_R_factor_obs                          0.21173 
_refine.ls_R_factor_all                          ? 
_refine.ls_R_factor_R_work                       0.20935 
_refine.ls_R_factor_R_free                       0.25246 
_refine.ls_R_factor_R_free_error                 ? 
_refine.ls_R_factor_R_free_error_details         ? 
_refine.ls_percent_reflns_R_free                 5.0 
_refine.ls_number_reflns_R_free                  181 
_refine.ls_number_parameters                     ? 
_refine.ls_number_restraints                     ? 
_refine.occupancy_min                            ? 
_refine.occupancy_max                            ? 
_refine.correlation_coeff_Fo_to_Fc               0.948 
_refine.correlation_coeff_Fo_to_Fc_free          0.923 
_refine.B_iso_mean                               25.171 
_refine.aniso_B[1][1]                            0.00 
_refine.aniso_B[2][2]                            0.01 
_refine.aniso_B[3][3]                            -0.01 
_refine.aniso_B[1][2]                            0.00 
_refine.aniso_B[1][3]                            0.00 
_refine.aniso_B[2][3]                            0.00 
_refine.solvent_model_details                    'BABINET MODEL WITH MASK' 
_refine.solvent_model_param_ksol                 ? 
_refine.solvent_model_param_bsol                 ? 
_refine.pdbx_solvent_vdw_probe_radii             1.40 
_refine.pdbx_solvent_ion_probe_radii             0.80 
_refine.pdbx_solvent_shrinkage_radii             0.80 
_refine.pdbx_ls_cross_valid_method               THROUGHOUT 
_refine.details                                  ? 
_refine.pdbx_starting_model                      2OE5 
_refine.pdbx_method_to_determine_struct          'MOLECULAR REPLACEMENT' 
_refine.pdbx_isotropic_thermal_model             ? 
_refine.pdbx_stereochemistry_target_values       'MAXIMUM LIKELIHOOD' 
_refine.pdbx_stereochem_target_val_spec_case     ? 
_refine.pdbx_R_Free_selection_details            RANDOM 
_refine.pdbx_overall_ESU_R                       0.731 
_refine.pdbx_overall_ESU_R_Free                  0.295 
_refine.overall_SU_ML                            0.197 
_refine.overall_SU_B                             8.865 
_refine.ls_redundancy_reflns_obs                 ? 
_refine.overall_SU_R_Cruickshank_DPI             ? 
_refine.overall_SU_R_free                        ? 
_refine.ls_wR_factor_R_free                      ? 
_refine.ls_wR_factor_R_work                      ? 
_refine.overall_FOM_free_R_set                   ? 
_refine.overall_FOM_work_R_set                   ? 
_refine.pdbx_refine_id                           'X-RAY DIFFRACTION' 
_refine.pdbx_TLS_residual_ADP_flag               'LIKELY RESIDUAL' 
_refine.pdbx_diffrn_id                           1 
_refine.pdbx_overall_phase_error                 ? 
_refine.pdbx_overall_SU_R_free_Cruickshank_DPI   ? 
_refine.pdbx_overall_SU_R_Blow_DPI               ? 
_refine.pdbx_overall_SU_R_free_Blow_DPI          ? 
# 
_refine_hist.pdbx_refine_id                   'X-RAY DIFFRACTION' 
_refine_hist.cycle_id                         LAST 
_refine_hist.pdbx_number_atoms_protein        0 
_refine_hist.pdbx_number_atoms_nucleic_acid   698 
_refine_hist.pdbx_number_atoms_ligand         0 
_refine_hist.number_atoms_solvent             71 
_refine_hist.number_atoms_total               769 
_refine_hist.d_res_high                       2.40 
_refine_hist.d_res_low                        18.73 
# 
loop_
_refine_ls_restr.type 
_refine_ls_restr.dev_ideal 
_refine_ls_restr.dev_ideal_target 
_refine_ls_restr.weight 
_refine_ls_restr.number 
_refine_ls_restr.pdbx_refine_id 
_refine_ls_restr.pdbx_restraint_function 
r_bond_refined_d             0.017 0.021 ? 779  'X-RAY DIFFRACTION' ? 
r_bond_other_d               0.001 0.020 ? 270  'X-RAY DIFFRACTION' ? 
r_angle_refined_deg          1.865 3.000 ? 1211 'X-RAY DIFFRACTION' ? 
r_angle_other_deg            1.039 3.000 ? 705  'X-RAY DIFFRACTION' ? 
r_dihedral_angle_1_deg       ?     ?     ? ?    'X-RAY DIFFRACTION' ? 
r_dihedral_angle_2_deg       ?     ?     ? ?    'X-RAY DIFFRACTION' ? 
r_dihedral_angle_3_deg       ?     ?     ? ?    'X-RAY DIFFRACTION' ? 
r_dihedral_angle_4_deg       ?     ?     ? ?    'X-RAY DIFFRACTION' ? 
r_chiral_restr               0.092 0.200 ? 132  'X-RAY DIFFRACTION' ? 
r_gen_planes_refined         0.011 0.020 ? 341  'X-RAY DIFFRACTION' ? 
r_gen_planes_other           ?     ?     ? ?    'X-RAY DIFFRACTION' ? 
r_nbd_refined                0.136 0.300 ? 116  'X-RAY DIFFRACTION' ? 
r_nbd_other                  0.232 0.300 ? 339  'X-RAY DIFFRACTION' ? 
r_nbtor_refined              ?     ?     ? ?    'X-RAY DIFFRACTION' ? 
r_nbtor_other                ?     ?     ? ?    'X-RAY DIFFRACTION' ? 
r_xyhbond_nbd_refined        0.209 0.500 ? 56   'X-RAY DIFFRACTION' ? 
r_xyhbond_nbd_other          0.117 0.500 ? 2    'X-RAY DIFFRACTION' ? 
r_metal_ion_refined          ?     ?     ? ?    'X-RAY DIFFRACTION' ? 
r_metal_ion_other            ?     ?     ? ?    'X-RAY DIFFRACTION' ? 
r_symmetry_vdw_refined       0.131 0.300 ? 9    'X-RAY DIFFRACTION' ? 
r_symmetry_vdw_other         0.202 0.300 ? 11   'X-RAY DIFFRACTION' ? 
r_symmetry_hbond_refined     0.168 0.500 ? 8    'X-RAY DIFFRACTION' ? 
r_symmetry_hbond_other       ?     ?     ? ?    'X-RAY DIFFRACTION' ? 
r_symmetry_metal_ion_refined ?     ?     ? ?    'X-RAY DIFFRACTION' ? 
r_symmetry_metal_ion_other   ?     ?     ? ?    'X-RAY DIFFRACTION' ? 
r_mcbond_it                  ?     ?     ? ?    'X-RAY DIFFRACTION' ? 
r_mcbond_other               ?     ?     ? ?    'X-RAY DIFFRACTION' ? 
r_mcangle_it                 ?     ?     ? ?    'X-RAY DIFFRACTION' ? 
r_scbond_it                  3.754 3.000 ? 779  'X-RAY DIFFRACTION' ? 
r_scangle_it                 4.775 4.500 ? 1211 'X-RAY DIFFRACTION' ? 
r_rigid_bond_restr           ?     ?     ? ?    'X-RAY DIFFRACTION' ? 
r_sphericity_free            ?     ?     ? ?    'X-RAY DIFFRACTION' ? 
r_sphericity_bonded          ?     ?     ? ?    'X-RAY DIFFRACTION' ? 
# 
_refine_ls_shell.pdbx_total_number_of_bins_used   20 
_refine_ls_shell.d_res_high                       2.40 
_refine_ls_shell.d_res_low                        2.462 
_refine_ls_shell.number_reflns_R_work             225 
_refine_ls_shell.R_factor_R_work                  0.418 
_refine_ls_shell.percent_reflns_obs               ? 
_refine_ls_shell.R_factor_R_free                  0.545 
_refine_ls_shell.R_factor_R_free_error            ? 
_refine_ls_shell.percent_reflns_R_free            ? 
_refine_ls_shell.number_reflns_R_free             9 
_refine_ls_shell.number_reflns_all                ? 
_refine_ls_shell.R_factor_all                     ? 
_refine_ls_shell.number_reflns_obs                ? 
_refine_ls_shell.redundancy_reflns_obs            ? 
_refine_ls_shell.pdbx_refine_id                   'X-RAY DIFFRACTION' 
# 
_struct.entry_id                  2OE6 
_struct.title                     
;2.4A X-ray crystal structure of unliganded RNA fragment GGGCGUCGCUAGUACC/CGGUACUAAAAGUCGCC containing the human ribosomal decoding A site: RNA construct with 5'-overhang
;
_struct.pdbx_model_details        ? 
_struct.pdbx_CASP_flag            ? 
_struct.pdbx_model_type_details   ? 
# 
_struct_keywords.entry_id        2OE6 
_struct_keywords.pdbx_keywords   RNA 
_struct_keywords.text            'Ribosomal decoding site, A site, Homo sapiens, RNA duplex, RNA' 
# 
loop_
_struct_asym.id 
_struct_asym.pdbx_blank_PDB_chainid_flag 
_struct_asym.pdbx_modified 
_struct_asym.entity_id 
_struct_asym.details 
A N N 1 ? 
B N N 2 ? 
C N N 3 ? 
D N N 3 ? 
# 
_struct_biol.id   1 
# 
loop_
_struct_conn.id 
_struct_conn.conn_type_id 
_struct_conn.pdbx_leaving_atom_flag 
_struct_conn.pdbx_PDB_id 
_struct_conn.ptnr1_label_asym_id 
_struct_conn.ptnr1_label_comp_id 
_struct_conn.ptnr1_label_seq_id 
_struct_conn.ptnr1_label_atom_id 
_struct_conn.pdbx_ptnr1_label_alt_id 
_struct_conn.pdbx_ptnr1_PDB_ins_code 
_struct_conn.pdbx_ptnr1_standard_comp_id 
_struct_conn.ptnr1_symmetry 
_struct_conn.ptnr2_label_asym_id 
_struct_conn.ptnr2_label_comp_id 
_struct_conn.ptnr2_label_seq_id 
_struct_conn.ptnr2_label_atom_id 
_struct_conn.pdbx_ptnr2_label_alt_id 
_struct_conn.pdbx_ptnr2_PDB_ins_code 
_struct_conn.ptnr1_auth_asym_id 
_struct_conn.ptnr1_auth_comp_id 
_struct_conn.ptnr1_auth_seq_id 
_struct_conn.ptnr2_auth_asym_id 
_struct_conn.ptnr2_auth_comp_id 
_struct_conn.ptnr2_auth_seq_id 
_struct_conn.ptnr2_symmetry 
_struct_conn.pdbx_ptnr3_label_atom_id 
_struct_conn.pdbx_ptnr3_label_seq_id 
_struct_conn.pdbx_ptnr3_label_comp_id 
_struct_conn.pdbx_ptnr3_label_asym_id 
_struct_conn.pdbx_ptnr3_label_alt_id 
_struct_conn.pdbx_ptnr3_PDB_ins_code 
_struct_conn.details 
_struct_conn.pdbx_dist_value 
_struct_conn.pdbx_value_order 
_struct_conn.pdbx_role 
hydrog1  hydrog ? ? A G 2  N1 ? ? ? 1_555 B C 17 N3 ? ? A G 2    B C 99   1_555 ? ? ? ? ? ? WATSON-CRICK  ? ? ? 
hydrog2  hydrog ? ? A G 2  N2 ? ? ? 1_555 B C 17 O2 ? ? A G 2    B C 99   1_555 ? ? ? ? ? ? WATSON-CRICK  ? ? ? 
hydrog3  hydrog ? ? A G 2  O6 ? ? ? 1_555 B C 17 N4 ? ? A G 2    B C 99   1_555 ? ? ? ? ? ? WATSON-CRICK  ? ? ? 
hydrog4  hydrog ? ? A G 3  N1 ? ? ? 1_555 B C 16 N3 ? ? A G 3    B C 98   1_555 ? ? ? ? ? ? WATSON-CRICK  ? ? ? 
hydrog5  hydrog ? ? A G 3  N2 ? ? ? 1_555 B C 16 O2 ? ? A G 3    B C 98   1_555 ? ? ? ? ? ? WATSON-CRICK  ? ? ? 
hydrog6  hydrog ? ? A G 3  O6 ? ? ? 1_555 B C 16 N4 ? ? A G 3    B C 98   1_555 ? ? ? ? ? ? WATSON-CRICK  ? ? ? 
hydrog7  hydrog ? ? A C 4  N3 ? ? ? 1_555 B G 15 N1 ? ? A C 1404 B G 1497 1_555 ? ? ? ? ? ? WATSON-CRICK  ? ? ? 
hydrog8  hydrog ? ? A C 4  N4 ? ? ? 1_555 B G 15 O6 ? ? A C 1404 B G 1497 1_555 ? ? ? ? ? ? WATSON-CRICK  ? ? ? 
hydrog9  hydrog ? ? A C 4  O2 ? ? ? 1_555 B G 15 N2 ? ? A C 1404 B G 1497 1_555 ? ? ? ? ? ? WATSON-CRICK  ? ? ? 
hydrog10 hydrog ? ? A G 5  N1 ? ? ? 1_555 B C 14 N3 ? ? A G 1405 B C 1496 1_555 ? ? ? ? ? ? WATSON-CRICK  ? ? ? 
hydrog11 hydrog ? ? A G 5  N2 ? ? ? 1_555 B C 14 O2 ? ? A G 1405 B C 1496 1_555 ? ? ? ? ? ? WATSON-CRICK  ? ? ? 
hydrog12 hydrog ? ? A G 5  O6 ? ? ? 1_555 B C 14 N4 ? ? A G 1405 B C 1496 1_555 ? ? ? ? ? ? WATSON-CRICK  ? ? ? 
hydrog13 hydrog ? ? A U 6  O4 ? ? ? 1_555 B U 13 N3 ? ? A U 1406 B U 1495 1_555 ? ? ? ? ? ? 'U-U MISPAIR' ? ? ? 
hydrog14 hydrog ? ? A C 7  N3 ? ? ? 1_555 B G 12 N1 ? ? A C 1407 B G 1494 1_555 ? ? ? ? ? ? WATSON-CRICK  ? ? ? 
hydrog15 hydrog ? ? A C 7  N4 ? ? ? 1_555 B G 12 O6 ? ? A C 1407 B G 1494 1_555 ? ? ? ? ? ? WATSON-CRICK  ? ? ? 
hydrog16 hydrog ? ? A C 7  O2 ? ? ? 1_555 B G 12 N2 ? ? A C 1407 B G 1494 1_555 ? ? ? ? ? ? WATSON-CRICK  ? ? ? 
hydrog17 hydrog ? ? A G 8  N2 ? ? ? 1_555 B A 11 N7 ? ? A G 1408 B A 1493 1_555 ? ? ? ? ? ? 'G-A MISPAIR' ? ? ? 
hydrog18 hydrog ? ? A C 9  N4 ? ? ? 1_555 B A 10 N3 ? ? A C 1409 B A 1492 1_555 ? ? ? ? ? ? 'C-A MISPAIR' ? ? ? 
hydrog19 hydrog ? ? A U 10 N3 ? ? ? 1_555 B A 8  N1 ? ? A U 1410 B A 1490 1_555 ? ? ? ? ? ? WATSON-CRICK  ? ? ? 
hydrog20 hydrog ? ? A U 10 O4 ? ? ? 1_555 B A 8  N6 ? ? A U 1410 B A 1490 1_555 ? ? ? ? ? ? WATSON-CRICK  ? ? ? 
hydrog21 hydrog ? ? A A 11 N1 ? ? ? 1_555 B U 7  N3 ? ? A A 1411 B U 1489 1_555 ? ? ? ? ? ? WATSON-CRICK  ? ? ? 
hydrog22 hydrog ? ? A A 11 N6 ? ? ? 1_555 B U 7  O4 ? ? A A 1411 B U 1489 1_555 ? ? ? ? ? ? WATSON-CRICK  ? ? ? 
hydrog23 hydrog ? ? A G 12 N1 ? ? ? 1_555 B C 6  N3 ? ? A G 1412 B C 1488 1_555 ? ? ? ? ? ? WATSON-CRICK  ? ? ? 
hydrog24 hydrog ? ? A G 12 N2 ? ? ? 1_555 B C 6  O2 ? ? A G 1412 B C 1488 1_555 ? ? ? ? ? ? WATSON-CRICK  ? ? ? 
hydrog25 hydrog ? ? A G 12 O6 ? ? ? 1_555 B C 6  N4 ? ? A G 1412 B C 1488 1_555 ? ? ? ? ? ? WATSON-CRICK  ? ? ? 
hydrog26 hydrog ? ? A U 13 N3 ? ? ? 1_555 B A 5  N1 ? ? A U 1413 B A 1487 1_555 ? ? ? ? ? ? WATSON-CRICK  ? ? ? 
hydrog27 hydrog ? ? A U 13 O4 ? ? ? 1_555 B A 5  N6 ? ? A U 1413 B A 1487 1_555 ? ? ? ? ? ? WATSON-CRICK  ? ? ? 
hydrog28 hydrog ? ? A A 14 N1 ? ? ? 1_555 B U 4  N3 ? ? A A 14   B U 86   1_555 ? ? ? ? ? ? WATSON-CRICK  ? ? ? 
hydrog29 hydrog ? ? A A 14 N6 ? ? ? 1_555 B U 4  O4 ? ? A A 14   B U 86   1_555 ? ? ? ? ? ? WATSON-CRICK  ? ? ? 
hydrog30 hydrog ? ? A C 15 N3 ? ? ? 1_555 B G 3  N1 ? ? A C 15   B G 85   1_555 ? ? ? ? ? ? WATSON-CRICK  ? ? ? 
hydrog31 hydrog ? ? A C 15 N4 ? ? ? 1_555 B G 3  O6 ? ? A C 15   B G 85   1_555 ? ? ? ? ? ? WATSON-CRICK  ? ? ? 
hydrog32 hydrog ? ? A C 15 O2 ? ? ? 1_555 B G 3  N2 ? ? A C 15   B G 85   1_555 ? ? ? ? ? ? WATSON-CRICK  ? ? ? 
hydrog33 hydrog ? ? A C 16 O2 ? ? ? 1_555 B G 2  N2 ? ? A C 16   B G 84   1_555 ? ? ? ? ? ? 'C-G PAIR'    ? ? ? 
# 
_struct_conn_type.id          hydrog 
_struct_conn_type.criteria    ? 
_struct_conn_type.reference   ? 
# 
_atom_sites.entry_id                    2OE6 
_atom_sites.fract_transf_matrix[1][1]   -0.01084461 
_atom_sites.fract_transf_matrix[1][2]   0.02953994 
_atom_sites.fract_transf_matrix[1][3]   -0.01646517 
_atom_sites.fract_transf_matrix[2][1]   -0.01029476 
_atom_sites.fract_transf_matrix[2][2]   0.00940604 
_atom_sites.fract_transf_matrix[2][3]   0.02365578 
_atom_sites.fract_transf_matrix[3][1]   0.01002345 
_atom_sites.fract_transf_matrix[3][2]   0.00500247 
_atom_sites.fract_transf_matrix[3][3]   0.00237302 
_atom_sites.fract_transf_vector[1]      0.648246 
_atom_sites.fract_transf_vector[2]      -0.040555 
_atom_sites.fract_transf_vector[3]      0.494715 
# 
loop_
_atom_type.symbol 
C 
N 
O 
P 
# 
loop_
_atom_site.group_PDB 
_atom_site.id 
_atom_site.type_symbol 
_atom_site.label_atom_id 
_atom_site.label_alt_id 
_atom_site.label_comp_id 
_atom_site.label_asym_id 
_atom_site.label_entity_id 
_atom_site.label_seq_id 
_atom_site.pdbx_PDB_ins_code 
_atom_site.Cartn_x 
_atom_site.Cartn_y 
_atom_site.Cartn_z 
_atom_site.occupancy 
_atom_site.B_iso_or_equiv 
_atom_site.pdbx_formal_charge 
_atom_site.auth_seq_id 
_atom_site.auth_comp_id 
_atom_site.auth_asym_id 
_atom_site.auth_atom_id 
_atom_site.pdbx_PDB_model_num 
ATOM   1   O "O5'" . G   A 1 1  ? -20.837 -1.267  2.216   1.00 35.96 ? 1    G   A "O5'" 1 
ATOM   2   C "C5'" . G   A 1 1  ? -21.141 -1.080  3.582   1.00 36.54 ? 1    G   A "C5'" 1 
ATOM   3   C "C4'" . G   A 1 1  ? -21.447 -2.418  4.267   1.00 36.87 ? 1    G   A "C4'" 1 
ATOM   4   O "O4'" . G   A 1 1  ? -22.589 -3.057  3.649   1.00 32.84 ? 1    G   A "O4'" 1 
ATOM   5   C "C3'" . G   A 1 1  ? -20.331 -3.461  4.226   1.00 37.10 ? 1    G   A "C3'" 1 
ATOM   6   O "O3'" . G   A 1 1  ? -19.473 -3.352  5.350   1.00 39.96 ? 1    G   A "O3'" 1 
ATOM   7   C "C2'" . G   A 1 1  ? -21.067 -4.793  4.218   1.00 37.34 ? 1    G   A "C2'" 1 
ATOM   8   O "O2'" . G   A 1 1  ? -21.346 -5.310  5.509   1.00 35.53 ? 1    G   A "O2'" 1 
ATOM   9   C "C1'" . G   A 1 1  ? -22.309 -4.419  3.422   1.00 33.60 ? 1    G   A "C1'" 1 
ATOM   10  N N9    . G   A 1 1  ? -22.030 -4.505  2.027   1.00 36.44 ? 1    G   A N9    1 
ATOM   11  C C8    . G   A 1 1  ? -21.914 -3.457  1.117   1.00 37.00 ? 1    G   A C8    1 
ATOM   12  N N7    . G   A 1 1  ? -21.612 -3.832  -0.096  1.00 26.30 ? 1    G   A N7    1 
ATOM   13  C C5    . G   A 1 1  ? -21.507 -5.210  0.014   1.00 30.52 ? 1    G   A C5    1 
ATOM   14  C C6    . G   A 1 1  ? -21.211 -6.148  -0.985  1.00 30.47 ? 1    G   A C6    1 
ATOM   15  O O6    . G   A 1 1  ? -20.959 -5.913  -2.188  1.00 32.64 ? 1    G   A O6    1 
ATOM   16  N N1    . G   A 1 1  ? -21.205 -7.447  -0.468  1.00 25.93 ? 1    G   A N1    1 
ATOM   17  C C2    . G   A 1 1  ? -21.470 -7.776  0.862   1.00 28.85 ? 1    G   A C2    1 
ATOM   18  N N2    . G   A 1 1  ? -21.411 -9.088  1.147   1.00 23.07 ? 1    G   A N2    1 
ATOM   19  N N3    . G   A 1 1  ? -21.759 -6.888  1.840   1.00 26.32 ? 1    G   A N3    1 
ATOM   20  C C4    . G   A 1 1  ? -21.758 -5.636  1.325   1.00 32.50 ? 1    G   A C4    1 
ATOM   21  P P     . G   A 1 2  ? -17.873 -3.448  5.137   1.00 37.87 ? 2    G   A P     1 
ATOM   22  O OP1   . G   A 1 2  ? -17.253 -3.089  6.414   1.00 42.84 ? 2    G   A OP1   1 
ATOM   23  O OP2   . G   A 1 2  ? -17.547 -2.724  3.893   1.00 36.53 ? 2    G   A OP2   1 
ATOM   24  O "O5'" . G   A 1 2  ? -17.635 -4.998  4.966   1.00 36.73 ? 2    G   A "O5'" 1 
ATOM   25  C "C5'" . G   A 1 2  ? -18.047 -5.881  5.991   1.00 33.21 ? 2    G   A "C5'" 1 
ATOM   26  C "C4'" . G   A 1 2  ? -17.831 -7.304  5.524   1.00 34.04 ? 2    G   A "C4'" 1 
ATOM   27  O "O4'" . G   A 1 2  ? -18.755 -7.622  4.464   1.00 28.73 ? 2    G   A "O4'" 1 
ATOM   28  C "C3'" . G   A 1 2  ? -16.490 -7.603  4.887   1.00 32.96 ? 2    G   A "C3'" 1 
ATOM   29  O "O3'" . G   A 1 2  ? -15.474 -7.697  5.855   1.00 33.82 ? 2    G   A "O3'" 1 
ATOM   30  C "C2'" . G   A 1 2  ? -16.825 -8.936  4.185   1.00 34.71 ? 2    G   A "C2'" 1 
ATOM   31  O "O2'" . G   A 1 2  ? -16.877 -10.060 5.063   1.00 31.80 ? 2    G   A "O2'" 1 
ATOM   32  C "C1'" . G   A 1 2  ? -18.203 -8.596  3.596   1.00 31.68 ? 2    G   A "C1'" 1 
ATOM   33  N N9    . G   A 1 2  ? -18.179 -8.061  2.222   1.00 31.25 ? 2    G   A N9    1 
ATOM   34  C C8    . G   A 1 2  ? -18.387 -6.765  1.807   1.00 31.09 ? 2    G   A C8    1 
ATOM   35  N N7    . G   A 1 2  ? -18.304 -6.590  0.482   1.00 26.48 ? 2    G   A N7    1 
ATOM   36  C C5    . G   A 1 2  ? -17.962 -7.850  0.005   1.00 31.95 ? 2    G   A C5    1 
ATOM   37  C C6    . G   A 1 2  ? -17.741 -8.296  -1.329  1.00 31.47 ? 2    G   A C6    1 
ATOM   38  O O6    . G   A 1 2  ? -17.769 -7.626  -2.357  1.00 30.09 ? 2    G   A O6    1 
ATOM   39  N N1    . G   A 1 2  ? -17.491 -9.666  -1.400  1.00 33.17 ? 2    G   A N1    1 
ATOM   40  C C2    . G   A 1 2  ? -17.433 -10.501 -0.286  1.00 32.61 ? 2    G   A C2    1 
ATOM   41  N N2    . G   A 1 2  ? -17.129 -11.797 -0.515  1.00 27.10 ? 2    G   A N2    1 
ATOM   42  N N3    . G   A 1 2  ? -17.630 -10.085 0.976   1.00 30.19 ? 2    G   A N3    1 
ATOM   43  C C4    . G   A 1 2  ? -17.899 -8.766  1.054   1.00 32.07 ? 2    G   A C4    1 
ATOM   44  P P     . G   A 1 3  ? -13.905 -7.529  5.485   1.00 40.36 ? 3    G   A P     1 
ATOM   45  O OP1   . G   A 1 3  ? -13.191 -7.576  6.768   1.00 37.80 ? 3    G   A OP1   1 
ATOM   46  O OP2   . G   A 1 3  ? -13.725 -6.340  4.640   1.00 37.54 ? 3    G   A OP2   1 
ATOM   47  O "O5'" . G   A 1 3  ? -13.561 -8.793  4.568   1.00 30.64 ? 3    G   A "O5'" 1 
ATOM   48  C "C5'" . G   A 1 3  ? -13.515 -10.062 5.117   1.00 29.81 ? 3    G   A "C5'" 1 
ATOM   49  C "C4'" . G   A 1 3  ? -13.311 -11.040 3.976   1.00 31.49 ? 3    G   A "C4'" 1 
ATOM   50  O "O4'" . G   A 1 3  ? -14.428 -10.946 3.066   1.00 35.28 ? 3    G   A "O4'" 1 
ATOM   51  C "C3'" . G   A 1 3  ? -12.127 -10.761 3.065   1.00 30.95 ? 3    G   A "C3'" 1 
ATOM   52  O "O3'" . G   A 1 3  ? -10.949 -11.306 3.624   1.00 31.59 ? 3    G   A "O3'" 1 
ATOM   53  C "C2'" . G   A 1 3  ? -12.542 -11.523 1.804   1.00 31.38 ? 3    G   A "C2'" 1 
ATOM   54  O "O2'" . G   A 1 3  ? -12.356 -12.918 1.896   1.00 27.90 ? 3    G   A "O2'" 1 
ATOM   55  C "C1'" . G   A 1 3  ? -14.009 -11.179 1.726   1.00 33.51 ? 3    G   A "C1'" 1 
ATOM   56  N N9    . G   A 1 3  ? -14.221 -10.021 0.840   1.00 33.17 ? 3    G   A N9    1 
ATOM   57  C C8    . G   A 1 3  ? -14.507 -8.712  1.143   1.00 35.52 ? 3    G   A C8    1 
ATOM   58  N N7    . G   A 1 3  ? -14.569 -7.934  0.092   1.00 32.51 ? 3    G   A N7    1 
ATOM   59  C C5    . G   A 1 3  ? -14.317 -8.795  -0.967  1.00 30.02 ? 3    G   A C5    1 
ATOM   60  C C6    . G   A 1 3  ? -14.251 -8.550  -2.346  1.00 30.15 ? 3    G   A C6    1 
ATOM   61  O O6    . G   A 1 3  ? -14.415 -7.478  -2.926  1.00 28.23 ? 3    G   A O6    1 
ATOM   62  N N1    . G   A 1 3  ? -13.942 -9.694  -3.072  1.00 32.15 ? 3    G   A N1    1 
ATOM   63  C C2    . G   A 1 3  ? -13.696 -10.936 -2.522  1.00 29.73 ? 3    G   A C2    1 
ATOM   64  N N2    . G   A 1 3  ? -13.422 -11.953 -3.346  1.00 26.36 ? 3    G   A N2    1 
ATOM   65  N N3    . G   A 1 3  ? -13.765 -11.172 -1.244  1.00 34.96 ? 3    G   A N3    1 
ATOM   66  C C4    . G   A 1 3  ? -14.092 -10.060 -0.528  1.00 33.76 ? 3    G   A C4    1 
ATOM   67  P P     . C   A 1 4  ? -9.441  -10.775 3.329   1.00 31.59 ? 1404 C   A P     1 
ATOM   68  O OP1   . C   A 1 4  ? -8.659  -11.506 4.328   1.00 32.51 ? 1404 C   A OP1   1 
ATOM   69  O OP2   . C   A 1 4  ? -9.398  -9.298  3.306   1.00 24.91 ? 1404 C   A OP2   1 
ATOM   70  O "O5'" . C   A 1 4  ? -9.044  -11.342 1.885   1.00 28.61 ? 1404 C   A "O5'" 1 
ATOM   71  C "C5'" . C   A 1 4  ? -9.403  -12.632 1.506   1.00 26.14 ? 1404 C   A "C5'" 1 
ATOM   72  C "C4'" . C   A 1 4  ? -9.144  -12.814 0.046   1.00 33.16 ? 1404 C   A "C4'" 1 
ATOM   73  O "O4'" . C   A 1 4  ? -10.294 -12.494 -0.782  1.00 34.15 ? 1404 C   A "O4'" 1 
ATOM   74  C "C3'" . C   A 1 4  ? -8.042  -11.938 -0.500  1.00 37.14 ? 1404 C   A "C3'" 1 
ATOM   75  O "O3'" . C   A 1 4  ? -6.866  -12.510 -0.045  1.00 43.06 ? 1404 C   A "O3'" 1 
ATOM   76  C "C2'" . C   A 1 4  ? -8.330  -12.073 -1.985  1.00 34.64 ? 1404 C   A "C2'" 1 
ATOM   77  O "O2'" . C   A 1 4  ? -8.121  -13.349 -2.559  1.00 29.31 ? 1404 C   A "O2'" 1 
ATOM   78  C "C1'" . C   A 1 4  ? -9.827  -11.853 -1.946  1.00 33.66 ? 1404 C   A "C1'" 1 
ATOM   79  N N1    . C   A 1 4  ? -10.219 -10.420 -1.928  1.00 34.91 ? 1404 C   A N1    1 
ATOM   80  C C2    . C   A 1 4  ? -10.429 -9.840  -3.181  1.00 29.83 ? 1404 C   A C2    1 
ATOM   81  O O2    . C   A 1 4  ? -10.264 -10.566 -4.172  1.00 26.97 ? 1404 C   A O2    1 
ATOM   82  N N3    . C   A 1 4  ? -10.819 -8.547  -3.245  1.00 28.14 ? 1404 C   A N3    1 
ATOM   83  C C4    . C   A 1 4  ? -10.992 -7.867  -2.090  1.00 29.07 ? 1404 C   A C4    1 
ATOM   84  N N4    . C   A 1 4  ? -11.376 -6.596  -2.191  1.00 20.26 ? 1404 C   A N4    1 
ATOM   85  C C5    . C   A 1 4  ? -10.780 -8.448  -0.781  1.00 25.88 ? 1404 C   A C5    1 
ATOM   86  C C6    . C   A 1 4  ? -10.403 -9.719  -0.741  1.00 28.91 ? 1404 C   A C6    1 
ATOM   87  P P     . G   A 1 5  ? -5.421  -11.888 -0.213  1.00 47.97 ? 1405 G   A P     1 
ATOM   88  O OP1   . G   A 1 5  ? -4.590  -13.076 0.117   1.00 46.07 ? 1405 G   A OP1   1 
ATOM   89  O OP2   . G   A 1 5  ? -5.335  -10.521 0.428   1.00 32.06 ? 1405 G   A OP2   1 
ATOM   90  O "O5'" . G   A 1 5  ? -5.226  -11.678 -1.785  1.00 41.14 ? 1405 G   A "O5'" 1 
ATOM   91  C "C5'" . G   A 1 5  ? -4.539  -10.561 -2.208  1.00 32.68 ? 1405 G   A "C5'" 1 
ATOM   92  C "C4'" . G   A 1 5  ? -4.602  -10.525 -3.707  1.00 33.24 ? 1405 G   A "C4'" 1 
ATOM   93  O "O4'" . G   A 1 5  ? -6.003  -10.645 -4.091  1.00 35.37 ? 1405 G   A "O4'" 1 
ATOM   94  C "C3'" . G   A 1 5  ? -4.098  -9.210  -4.295  1.00 31.73 ? 1405 G   A "C3'" 1 
ATOM   95  O "O3'" . G   A 1 5  ? -2.735  -9.273  -4.504  1.00 28.96 ? 1405 G   A "O3'" 1 
ATOM   96  C "C2'" . G   A 1 5  ? -4.927  -9.115  -5.557  1.00 32.01 ? 1405 G   A "C2'" 1 
ATOM   97  O "O2'" . G   A 1 5  ? -4.503  -9.956  -6.619  1.00 28.38 ? 1405 G   A "O2'" 1 
ATOM   98  C "C1'" . G   A 1 5  ? -6.287  -9.566  -4.988  1.00 36.75 ? 1405 G   A "C1'" 1 
ATOM   99  N N9    . G   A 1 5  ? -6.994  -8.473  -4.311  1.00 33.30 ? 1405 G   A N9    1 
ATOM   100 C C8    . G   A 1 5  ? -7.280  -8.329  -2.966  1.00 29.98 ? 1405 G   A C8    1 
ATOM   101 N N7    . G   A 1 5  ? -7.910  -7.225  -2.696  1.00 30.88 ? 1405 G   A N7    1 
ATOM   102 C C5    . G   A 1 5  ? -8.026  -6.585  -3.937  1.00 30.50 ? 1405 G   A C5    1 
ATOM   103 C C6    . G   A 1 5  ? -8.583  -5.336  -4.283  1.00 30.05 ? 1405 G   A C6    1 
ATOM   104 O O6    . G   A 1 5  ? -9.139  -4.534  -3.564  1.00 26.03 ? 1405 G   A O6    1 
ATOM   105 N N1    . G   A 1 5  ? -8.483  -5.063  -5.648  1.00 30.73 ? 1405 G   A N1    1 
ATOM   106 C C2    . G   A 1 5  ? -7.892  -5.887  -6.577  1.00 30.10 ? 1405 G   A C2    1 
ATOM   107 N N2    . G   A 1 5  ? -7.887  -5.458  -7.856  1.00 36.57 ? 1405 G   A N2    1 
ATOM   108 N N3    . G   A 1 5  ? -7.340  -7.061  -6.265  1.00 33.26 ? 1405 G   A N3    1 
ATOM   109 C C4    . G   A 1 5  ? -7.448  -7.336  -4.929  1.00 32.36 ? 1405 G   A C4    1 
ATOM   110 P P     . U   A 1 6  ? -1.793  -8.002  -4.311  1.00 30.59 ? 1406 U   A P     1 
ATOM   111 O OP1   . U   A 1 6  ? -0.458  -8.513  -4.606  1.00 24.22 ? 1406 U   A OP1   1 
ATOM   112 O OP2   . U   A 1 6  ? -2.008  -7.308  -3.027  1.00 23.34 ? 1406 U   A OP2   1 
ATOM   113 O "O5'" . U   A 1 6  ? -2.306  -7.071  -5.520  1.00 26.04 ? 1406 U   A "O5'" 1 
ATOM   114 C "C5'" . U   A 1 6  ? -2.041  -7.513  -6.805  1.00 25.63 ? 1406 U   A "C5'" 1 
ATOM   115 C "C4'" . U   A 1 6  ? -2.480  -6.494  -7.836  1.00 28.31 ? 1406 U   A "C4'" 1 
ATOM   116 O "O4'" . U   A 1 6  ? -3.909  -6.263  -7.684  1.00 28.91 ? 1406 U   A "O4'" 1 
ATOM   117 C "C3'" . U   A 1 6  ? -1.856  -5.095  -7.713  1.00 25.60 ? 1406 U   A "C3'" 1 
ATOM   118 O "O3'" . U   A 1 6  ? -0.477  -4.983  -8.279  1.00 20.00 ? 1406 U   A "O3'" 1 
ATOM   119 C "C2'" . U   A 1 6  ? -2.884  -4.304  -8.491  1.00 20.72 ? 1406 U   A "C2'" 1 
ATOM   120 O "O2'" . U   A 1 6  ? -2.768  -4.530  -9.877  1.00 23.77 ? 1406 U   A "O2'" 1 
ATOM   121 C "C1'" . U   A 1 6  ? -4.186  -4.928  -8.058  1.00 23.97 ? 1406 U   A "C1'" 1 
ATOM   122 N N1    . U   A 1 6  ? -4.901  -4.214  -6.988  1.00 25.94 ? 1406 U   A N1    1 
ATOM   123 C C2    . U   A 1 6  ? -5.573  -3.083  -7.348  1.00 26.20 ? 1406 U   A C2    1 
ATOM   124 O O2    . U   A 1 6  ? -5.564  -2.648  -8.469  1.00 29.86 ? 1406 U   A O2    1 
ATOM   125 N N3    . U   A 1 6  ? -6.230  -2.458  -6.357  1.00 27.59 ? 1406 U   A N3    1 
ATOM   126 C C4    . U   A 1 6  ? -6.290  -2.840  -5.038  1.00 31.93 ? 1406 U   A C4    1 
ATOM   127 O O4    . U   A 1 6  ? -6.956  -2.160  -4.259  1.00 31.34 ? 1406 U   A O4    1 
ATOM   128 C C5    . U   A 1 6  ? -5.546  -4.037  -4.711  1.00 26.82 ? 1406 U   A C5    1 
ATOM   129 C C6    . U   A 1 6  ? -4.915  -4.676  -5.693  1.00 24.06 ? 1406 U   A C6    1 
ATOM   130 P P     . C   A 1 7  ? 0.597   -4.079  -7.464  1.00 24.09 ? 1407 C   A P     1 
ATOM   131 O OP1   . C   A 1 7  ? 1.929   -4.274  -8.070  1.00 28.21 ? 1407 C   A OP1   1 
ATOM   132 O OP2   . C   A 1 7  ? 0.401   -4.363  -6.027  1.00 27.87 ? 1407 C   A OP2   1 
ATOM   133 O "O5'" . C   A 1 7  ? 0.082   -2.578  -7.714  1.00 19.21 ? 1407 C   A "O5'" 1 
ATOM   134 C "C5'" . C   A 1 7  ? 0.480   -1.883  -8.833  1.00 20.89 ? 1407 C   A "C5'" 1 
ATOM   135 C "C4'" . C   A 1 7  ? -0.374  -0.662  -8.975  1.00 20.93 ? 1407 C   A "C4'" 1 
ATOM   136 O "O4'" . C   A 1 7  ? -1.742  -1.016  -8.720  1.00 25.67 ? 1407 C   A "O4'" 1 
ATOM   137 C "C3'" . C   A 1 7  ? -0.139  0.409   -7.942  1.00 21.22 ? 1407 C   A "C3'" 1 
ATOM   138 O "O3'" . C   A 1 7  ? 1.061   1.023   -8.159  1.00 20.54 ? 1407 C   A "O3'" 1 
ATOM   139 C "C2'" . C   A 1 7  ? -1.353  1.257   -8.228  1.00 26.73 ? 1407 C   A "C2'" 1 
ATOM   140 O "O2'" . C   A 1 7  ? -1.388  1.838   -9.537  1.00 26.98 ? 1407 C   A "O2'" 1 
ATOM   141 C "C1'" . C   A 1 7  ? -2.386  0.143   -8.159  1.00 27.53 ? 1407 C   A "C1'" 1 
ATOM   142 N N1    . C   A 1 7  ? -2.857  -0.193  -6.773  1.00 28.89 ? 1407 C   A N1    1 
ATOM   143 C C2    . C   A 1 7  ? -3.821  0.598   -6.129  1.00 29.36 ? 1407 C   A C2    1 
ATOM   144 O O2    . C   A 1 7  ? -4.248  1.617   -6.709  1.00 26.38 ? 1407 C   A O2    1 
ATOM   145 N N3    . C   A 1 7  ? -4.259  0.209   -4.888  1.00 22.78 ? 1407 C   A N3    1 
ATOM   146 C C4    . C   A 1 7  ? -3.735  -0.874  -4.298  1.00 21.77 ? 1407 C   A C4    1 
ATOM   147 N N4    . C   A 1 7  ? -4.155  -1.236  -3.072  1.00 14.66 ? 1407 C   A N4    1 
ATOM   148 C C5    . C   A 1 7  ? -2.760  -1.670  -4.950  1.00 26.85 ? 1407 C   A C5    1 
ATOM   149 C C6    . C   A 1 7  ? -2.371  -1.319  -6.170  1.00 27.69 ? 1407 C   A C6    1 
ATOM   150 P P     . G   A 1 8  ? 1.844   1.713   -6.989  1.00 21.38 ? 1408 G   A P     1 
ATOM   151 O OP1   . G   A 1 8  ? 3.053   2.360   -7.544  1.00 26.70 ? 1408 G   A OP1   1 
ATOM   152 O OP2   . G   A 1 8  ? 1.949   0.704   -5.929  1.00 25.94 ? 1408 G   A OP2   1 
ATOM   153 O "O5'" . G   A 1 8  ? 0.832   2.798   -6.452  1.00 19.16 ? 1408 G   A "O5'" 1 
ATOM   154 C "C5'" . G   A 1 8  ? 0.630   3.965   -7.153  1.00 21.90 ? 1408 G   A "C5'" 1 
ATOM   155 C "C4'" . G   A 1 8  ? -0.415  4.806   -6.450  1.00 23.52 ? 1408 G   A "C4'" 1 
ATOM   156 O "O4'" . G   A 1 8  ? -1.569  3.990   -6.161  1.00 22.39 ? 1408 G   A "O4'" 1 
ATOM   157 C "C3'" . G   A 1 8  ? -0.014  5.328   -5.085  1.00 24.48 ? 1408 G   A "C3'" 1 
ATOM   158 O "O3'" . G   A 1 8  ? 0.807   6.481   -5.230  1.00 23.17 ? 1408 G   A "O3'" 1 
ATOM   159 C "C2'" . G   A 1 8  ? -1.383  5.612   -4.452  1.00 23.76 ? 1408 G   A "C2'" 1 
ATOM   160 O "O2'" . G   A 1 8  ? -2.085  6.755   -4.929  1.00 10.37 ? 1408 G   A "O2'" 1 
ATOM   161 C "C1'" . G   A 1 8  ? -2.132  4.370   -4.895  1.00 24.01 ? 1408 G   A "C1'" 1 
ATOM   162 N N9    . G   A 1 8  ? -2.093  3.246   -3.956  1.00 24.76 ? 1408 G   A N9    1 
ATOM   163 C C8    . G   A 1 8  ? -1.419  2.050   -4.117  1.00 21.82 ? 1408 G   A C8    1 
ATOM   164 N N7    . G   A 1 8  ? -1.571  1.231   -3.151  1.00 11.79 ? 1408 G   A N7    1 
ATOM   165 C C5    . G   A 1 8  ? -2.433  1.898   -2.293  1.00 19.86 ? 1408 G   A C5    1 
ATOM   166 C C6    . G   A 1 8  ? -2.939  1.490   -1.064  1.00 17.90 ? 1408 G   A C6    1 
ATOM   167 O O6    . G   A 1 8  ? -2.740  0.399   -0.490  1.00 14.13 ? 1408 G   A O6    1 
ATOM   168 N N1    . G   A 1 8  ? -3.756  2.458   -0.512  1.00 18.57 ? 1408 G   A N1    1 
ATOM   169 C C2    . G   A 1 8  ? -4.031  3.665   -1.067  1.00 28.48 ? 1408 G   A C2    1 
ATOM   170 N N2    . G   A 1 8  ? -4.859  4.487   -0.370  1.00 24.50 ? 1408 G   A N2    1 
ATOM   171 N N3    . G   A 1 8  ? -3.545  4.055   -2.237  1.00 28.49 ? 1408 G   A N3    1 
ATOM   172 C C4    . G   A 1 8  ? -2.760  3.133   -2.771  1.00 20.44 ? 1408 G   A C4    1 
ATOM   173 P P     . C   A 1 9  ? 1.953   6.701   -4.149  1.00 30.63 ? 1409 C   A P     1 
ATOM   174 O OP1   . C   A 1 9  ? 2.770   7.793   -4.646  1.00 36.77 ? 1409 C   A OP1   1 
ATOM   175 O OP2   . C   A 1 9  ? 2.518   5.360   -3.891  1.00 30.83 ? 1409 C   A OP2   1 
ATOM   176 O "O5'" . C   A 1 9  ? 1.158   7.231   -2.852  1.00 30.31 ? 1409 C   A "O5'" 1 
ATOM   177 C "C5'" . C   A 1 9  ? 0.541   8.516   -2.900  1.00 27.40 ? 1409 C   A "C5'" 1 
ATOM   178 C "C4'" . C   A 1 9  ? -0.513  8.681   -1.814  1.00 29.67 ? 1409 C   A "C4'" 1 
ATOM   179 O "O4'" . C   A 1 9  ? -1.484  7.595   -1.850  1.00 30.00 ? 1409 C   A "O4'" 1 
ATOM   180 C "C3'" . C   A 1 9  ? 0.047   8.619   -0.405  1.00 27.45 ? 1409 C   A "C3'" 1 
ATOM   181 O "O3'" . C   A 1 9  ? 0.589   9.826   -0.056  1.00 24.20 ? 1409 C   A "O3'" 1 
ATOM   182 C "C2'" . C   A 1 9  ? -1.162  8.206   0.414   1.00 29.88 ? 1409 C   A "C2'" 1 
ATOM   183 O "O2'" . C   A 1 9  ? -2.052  9.288   0.646   1.00 39.37 ? 1409 C   A "O2'" 1 
ATOM   184 C "C1'" . C   A 1 9  ? -1.784  7.166   -0.515  1.00 32.11 ? 1409 C   A "C1'" 1 
ATOM   185 N N1    . C   A 1 9  ? -1.307  5.796   -0.236  1.00 30.76 ? 1409 C   A N1    1 
ATOM   186 C C2    . C   A 1 9  ? -1.831  5.176   0.878   1.00 30.47 ? 1409 C   A C2    1 
ATOM   187 O O2    . C   A 1 9  ? -2.642  5.805   1.533   1.00 26.21 ? 1409 C   A O2    1 
ATOM   188 N N3    . C   A 1 9  ? -1.426  3.934   1.210   1.00 26.37 ? 1409 C   A N3    1 
ATOM   189 C C4    . C   A 1 9  ? -0.544  3.342   0.427   1.00 24.00 ? 1409 C   A C4    1 
ATOM   190 N N4    . C   A 1 9  ? -0.180  2.109   0.791   1.00 24.97 ? 1409 C   A N4    1 
ATOM   191 C C5    . C   A 1 9  ? 0.018   3.966   -0.729  1.00 25.19 ? 1409 C   A C5    1 
ATOM   192 C C6    . C   A 1 9  ? -0.385  5.186   -1.017  1.00 26.52 ? 1409 C   A C6    1 
ATOM   193 P P     . U   A 1 10 ? 2.024   9.896   0.712   1.00 33.28 ? 1410 U   A P     1 
ATOM   194 O OP1   . U   A 1 10 ? 2.334   11.323  0.755   1.00 39.05 ? 1410 U   A OP1   1 
ATOM   195 O OP2   . U   A 1 10 ? 3.021   8.954   0.121   1.00 26.82 ? 1410 U   A OP2   1 
ATOM   196 O "O5'" . U   A 1 10 ? 1.747   9.449   2.229   1.00 25.36 ? 1410 U   A "O5'" 1 
ATOM   197 C "C5'" . U   A 1 10 ? 0.759   10.100  2.947   1.00 32.26 ? 1410 U   A "C5'" 1 
ATOM   198 C "C4'" . U   A 1 10 ? 0.337   9.279   4.163   1.00 38.50 ? 1410 U   A "C4'" 1 
ATOM   199 O "O4'" . U   A 1 10 ? -0.338  8.042   3.772   1.00 36.17 ? 1410 U   A "O4'" 1 
ATOM   200 C "C3'" . U   A 1 10 ? 1.470   8.808   5.079   1.00 38.03 ? 1410 U   A "C3'" 1 
ATOM   201 O "O3'" . U   A 1 10 ? 1.827   9.767   5.969   1.00 36.40 ? 1410 U   A "O3'" 1 
ATOM   202 C "C2'" . U   A 1 10 ? 0.796   7.684   5.813   1.00 37.82 ? 1410 U   A "C2'" 1 
ATOM   203 O "O2'" . U   A 1 10 ? -0.054  8.201   6.790   1.00 43.76 ? 1410 U   A "O2'" 1 
ATOM   204 C "C1'" . U   A 1 10 ? -0.019  7.018   4.710   1.00 36.42 ? 1410 U   A "C1'" 1 
ATOM   205 N N1    . U   A 1 10 ? 0.685   5.927   3.980   1.00 31.37 ? 1410 U   A N1    1 
ATOM   206 C C2    . U   A 1 10 ? 0.665   4.625   4.472   1.00 31.41 ? 1410 U   A C2    1 
ATOM   207 O O2    . U   A 1 10 ? 0.108   4.327   5.509   1.00 37.45 ? 1410 U   A O2    1 
ATOM   208 N N3    . U   A 1 10 ? 1.320   3.688   3.684   1.00 27.09 ? 1410 U   A N3    1 
ATOM   209 C C4    . U   A 1 10 ? 1.970   3.956   2.465   1.00 27.86 ? 1410 U   A C4    1 
ATOM   210 O O4    . U   A 1 10 ? 2.535   3.054   1.827   1.00 22.26 ? 1410 U   A O4    1 
ATOM   211 C C5    . U   A 1 10 ? 1.935   5.346   2.036   1.00 23.00 ? 1410 U   A C5    1 
ATOM   212 C C6    . U   A 1 10 ? 1.318   6.245   2.790   1.00 26.16 ? 1410 U   A C6    1 
ATOM   213 P P     . A   A 1 11 ? 3.342   9.991   6.370   1.00 37.48 ? 1411 A   A P     1 
ATOM   214 O OP1   . A   A 1 11 ? 3.333   11.215  7.196   1.00 43.77 ? 1411 A   A OP1   1 
ATOM   215 O OP2   . A   A 1 11 ? 4.132   9.938   5.115   1.00 38.67 ? 1411 A   A OP2   1 
ATOM   216 O "O5'" . A   A 1 11 ? 3.643   8.762   7.353   1.00 31.75 ? 1411 A   A "O5'" 1 
ATOM   217 C "C5'" . A   A 1 11 ? 2.895   8.726   8.507   1.00 26.63 ? 1411 A   A "C5'" 1 
ATOM   218 C "C4'" . A   A 1 11 ? 3.041   7.410   9.170   1.00 33.37 ? 1411 A   A "C4'" 1 
ATOM   219 O "O4'" . A   A 1 11 ? 2.415   6.399   8.338   1.00 37.89 ? 1411 A   A "O4'" 1 
ATOM   220 C "C3'" . A   A 1 11 ? 4.458   6.923   9.316   1.00 32.42 ? 1411 A   A "C3'" 1 
ATOM   221 O "O3'" . A   A 1 11 ? 5.092   7.569   10.353  1.00 33.75 ? 1411 A   A "O3'" 1 
ATOM   222 C "C2'" . A   A 1 11 ? 4.197   5.435   9.542   1.00 34.35 ? 1411 A   A "C2'" 1 
ATOM   223 O "O2'" . A   A 1 11 ? 3.711   5.081   10.801  1.00 33.17 ? 1411 A   A "O2'" 1 
ATOM   224 C "C1'" . A   A 1 11 ? 3.104   5.172   8.518   1.00 33.64 ? 1411 A   A "C1'" 1 
ATOM   225 N N9    . A   A 1 11 ? 3.612   4.767   7.219   1.00 32.25 ? 1411 A   A N9    1 
ATOM   226 C C8    . A   A 1 11 ? 3.761   5.563   6.116   1.00 27.12 ? 1411 A   A C8    1 
ATOM   227 N N7    . A   A 1 11 ? 4.231   4.914   5.089   1.00 29.78 ? 1411 A   A N7    1 
ATOM   228 C C5    . A   A 1 11 ? 4.381   3.617   5.532   1.00 32.15 ? 1411 A   A C5    1 
ATOM   229 C C6    . A   A 1 11 ? 4.846   2.451   4.909   1.00 34.64 ? 1411 A   A C6    1 
ATOM   230 N N6    . A   A 1 11 ? 5.250   2.430   3.649   1.00 33.12 ? 1411 A   A N6    1 
ATOM   231 N N1    . A   A 1 11 ? 4.880   1.310   5.638   1.00 32.28 ? 1411 A   A N1    1 
ATOM   232 C C2    . A   A 1 11 ? 4.477   1.356   6.912   1.00 28.39 ? 1411 A   A C2    1 
ATOM   233 N N3    . A   A 1 11 ? 4.038   2.394   7.605   1.00 28.27 ? 1411 A   A N3    1 
ATOM   234 C C4    . A   A 1 11 ? 4.022   3.505   6.853   1.00 30.49 ? 1411 A   A C4    1 
ATOM   235 P P     . G   A 1 12 ? 6.691   7.530   10.498  1.00 36.22 ? 1412 G   A P     1 
ATOM   236 O OP1   . G   A 1 12 ? 7.073   8.311   11.696  1.00 40.31 ? 1412 G   A OP1   1 
ATOM   237 O OP2   . G   A 1 12 ? 7.279   7.864   9.184   1.00 35.92 ? 1412 G   A OP2   1 
ATOM   238 O "O5'" . G   A 1 12 ? 6.938   6.001   10.797  1.00 30.89 ? 1412 G   A "O5'" 1 
ATOM   239 C "C5'" . G   A 1 12 ? 7.045   5.543   12.089  1.00 30.66 ? 1412 G   A "C5'" 1 
ATOM   240 C "C4'" . G   A 1 12 ? 7.466   4.090   12.066  1.00 26.72 ? 1412 G   A "C4'" 1 
ATOM   241 O "O4'" . G   A 1 12 ? 6.661   3.348   11.128  1.00 30.53 ? 1412 G   A "O4'" 1 
ATOM   242 C "C3'" . G   A 1 12 ? 8.848   3.873   11.578  1.00 29.92 ? 1412 G   A "C3'" 1 
ATOM   243 O "O3'" . G   A 1 12 ? 9.774   4.121   12.603  1.00 30.84 ? 1412 G   A "O3'" 1 
ATOM   244 C "C2'" . G   A 1 12 ? 8.779   2.411   11.179  1.00 31.18 ? 1412 G   A "C2'" 1 
ATOM   245 O "O2'" . G   A 1 12 ? 8.882   1.547   12.269  1.00 32.47 ? 1412 G   A "O2'" 1 
ATOM   246 C "C1'" . G   A 1 12 ? 7.425   2.351   10.504  1.00 31.73 ? 1412 G   A "C1'" 1 
ATOM   247 N N9    . G   A 1 12 ? 7.510   2.687   9.067   1.00 33.47 ? 1412 G   A N9    1 
ATOM   248 C C8    . G   A 1 12 ? 7.307   3.923   8.489   1.00 33.52 ? 1412 G   A C8    1 
ATOM   249 N N7    . G   A 1 12 ? 7.486   3.947   7.194   1.00 31.78 ? 1412 G   A N7    1 
ATOM   250 C C5    . G   A 1 12 ? 7.804   2.621   6.893   1.00 32.05 ? 1412 G   A C5    1 
ATOM   251 C C6    . G   A 1 12 ? 8.110   2.025   5.641   1.00 23.59 ? 1412 G   A C6    1 
ATOM   252 O O6    . G   A 1 12 ? 8.120   2.579   4.554   1.00 21.20 ? 1412 G   A O6    1 
ATOM   253 N N1    . G   A 1 12 ? 8.437   0.686   5.759   1.00 21.61 ? 1412 G   A N1    1 
ATOM   254 C C2    . G   A 1 12 ? 8.432   -0.003  6.957   1.00 27.01 ? 1412 G   A C2    1 
ATOM   255 N N2    . G   A 1 12 ? 8.715   -1.292  6.898   1.00 24.02 ? 1412 G   A N2    1 
ATOM   256 N N3    . G   A 1 12 ? 8.153   0.524   8.139   1.00 28.40 ? 1412 G   A N3    1 
ATOM   257 C C4    . G   A 1 12 ? 7.846   1.843   8.033   1.00 30.89 ? 1412 G   A C4    1 
ATOM   258 P P     . U   A 1 13 ? 11.117  4.854   12.231  1.00 32.60 ? 1413 U   A P     1 
ATOM   259 O OP1   . U   A 1 13 ? 11.744  5.225   13.528  1.00 44.21 ? 1413 U   A OP1   1 
ATOM   260 O OP2   . U   A 1 13 ? 10.845  5.920   11.238  1.00 27.81 ? 1413 U   A OP2   1 
ATOM   261 O "O5'" . U   A 1 13 ? 12.023  3.723   11.523  1.00 35.97 ? 1413 U   A "O5'" 1 
ATOM   262 C "C5'" . U   A 1 13 ? 12.285  2.527   12.217  1.00 37.74 ? 1413 U   A "C5'" 1 
ATOM   263 C "C4'" . U   A 1 13 ? 12.711  1.441   11.265  1.00 38.72 ? 1413 U   A "C4'" 1 
ATOM   264 O "O4'" . U   A 1 13 ? 11.624  1.134   10.359  1.00 36.25 ? 1413 U   A "O4'" 1 
ATOM   265 C "C3'" . U   A 1 13 ? 13.878  1.782   10.334  1.00 37.42 ? 1413 U   A "C3'" 1 
ATOM   266 O "O3'" . U   A 1 13 ? 15.163  1.656   10.960  1.00 30.83 ? 1413 U   A "O3'" 1 
ATOM   267 C "C2'" . U   A 1 13 ? 13.694  0.730   9.241   1.00 35.48 ? 1413 U   A "C2'" 1 
ATOM   268 O "O2'" . U   A 1 13 ? 14.191  -0.546  9.572   1.00 27.03 ? 1413 U   A "O2'" 1 
ATOM   269 C "C1'" . U   A 1 13 ? 12.177  0.734   9.099   1.00 36.55 ? 1413 U   A "C1'" 1 
ATOM   270 N N1    . U   A 1 13 ? 11.781  1.673   8.029   1.00 35.20 ? 1413 U   A N1    1 
ATOM   271 C C2    . U   A 1 13 ? 11.915  1.249   6.737   1.00 37.67 ? 1413 U   A C2    1 
ATOM   272 O O2    . U   A 1 13 ? 12.319  0.140   6.459   1.00 35.39 ? 1413 U   A O2    1 
ATOM   273 N N3    . U   A 1 13 ? 11.551  2.168   5.776   1.00 35.68 ? 1413 U   A N3    1 
ATOM   274 C C4    . U   A 1 13 ? 11.089  3.438   5.984   1.00 31.54 ? 1413 U   A C4    1 
ATOM   275 O O4    . U   A 1 13 ? 10.806  4.145   5.021   1.00 26.70 ? 1413 U   A O4    1 
ATOM   276 C C5    . U   A 1 13 ? 10.995  3.814   7.369   1.00 32.02 ? 1413 U   A C5    1 
ATOM   277 C C6    . U   A 1 13 ? 11.347  2.943   8.319   1.00 31.65 ? 1413 U   A C6    1 
ATOM   278 P P     . A   A 1 14 ? 16.290  2.710   10.615  1.00 33.83 ? 14   A   A P     1 
ATOM   279 O OP1   . A   A 1 14 ? 17.286  2.582   11.688  1.00 41.77 ? 14   A   A OP1   1 
ATOM   280 O OP2   . A   A 1 14 ? 15.673  4.022   10.342  1.00 37.09 ? 14   A   A OP2   1 
ATOM   281 O "O5'" . A   A 1 14 ? 16.907  2.219   9.190   1.00 32.89 ? 14   A   A "O5'" 1 
ATOM   282 C "C5'" . A   A 1 14 ? 17.359  0.913   9.067   1.00 27.69 ? 14   A   A "C5'" 1 
ATOM   283 C "C4'" . A   A 1 14 ? 17.536  0.549   7.635   1.00 31.73 ? 14   A   A "C4'" 1 
ATOM   284 O "O4'" . A   A 1 14 ? 16.236  0.547   7.040   1.00 34.12 ? 14   A   A "O4'" 1 
ATOM   285 C "C3'" . A   A 1 14 ? 18.350  1.482   6.730   1.00 31.99 ? 14   A   A "C3'" 1 
ATOM   286 O "O3'" . A   A 1 14 ? 19.738  1.254   6.850   1.00 30.92 ? 14   A   A "O3'" 1 
ATOM   287 C "C2'" . A   A 1 14 ? 17.835  1.054   5.369   1.00 32.77 ? 14   A   A "C2'" 1 
ATOM   288 O "O2'" . A   A 1 14 ? 18.379  -0.167  4.900   1.00 33.10 ? 14   A   A "O2'" 1 
ATOM   289 C "C1'" . A   A 1 14 ? 16.357  0.860   5.653   1.00 34.08 ? 14   A   A "C1'" 1 
ATOM   290 N N9    . A   A 1 14 ? 15.555  2.055   5.339   1.00 35.04 ? 14   A   A N9    1 
ATOM   291 C C8    . A   A 1 14 ? 15.051  2.988   6.210   1.00 29.62 ? 14   A   A C8    1 
ATOM   292 N N7    . A   A 1 14 ? 14.378  3.939   5.630   1.00 30.70 ? 14   A   A N7    1 
ATOM   293 C C5    . A   A 1 14 ? 14.430  3.606   4.288   1.00 30.06 ? 14   A   A C5    1 
ATOM   294 C C6    . A   A 1 14 ? 13.878  4.208   3.170   1.00 27.79 ? 14   A   A C6    1 
ATOM   295 N N6    . A   A 1 14 ? 13.151  5.333   3.231   1.00 25.54 ? 14   A   A N6    1 
ATOM   296 N N1    . A   A 1 14 ? 14.100  3.637   1.996   1.00 26.55 ? 14   A   A N1    1 
ATOM   297 C C2    . A   A 1 14 ? 14.806  2.508   1.954   1.00 35.59 ? 14   A   A C2    1 
ATOM   298 N N3    . A   A 1 14 ? 15.364  1.813   2.949   1.00 33.26 ? 14   A   A N3    1 
ATOM   299 C C4    . A   A 1 14 ? 15.142  2.447   4.095   1.00 33.50 ? 14   A   A C4    1 
ATOM   300 P P     . C   A 1 15 ? 20.779  2.452   6.660   1.00 35.28 ? 15   C   A P     1 
ATOM   301 O OP1   . C   A 1 15 ? 22.109  2.012   7.138   1.00 40.17 ? 15   C   A OP1   1 
ATOM   302 O OP2   . C   A 1 15 ? 20.188  3.727   7.079   1.00 28.28 ? 15   C   A OP2   1 
ATOM   303 O "O5'" . C   A 1 15 ? 20.863  2.536   5.087   1.00 28.66 ? 15   C   A "O5'" 1 
ATOM   304 C "C5'" . C   A 1 15 ? 21.565  1.508   4.414   1.00 33.63 ? 15   C   A "C5'" 1 
ATOM   305 C "C4'" . C   A 1 15 ? 21.299  1.534   2.921   1.00 31.95 ? 15   C   A "C4'" 1 
ATOM   306 O "O4'" . C   A 1 15 ? 19.886  1.522   2.691   1.00 32.42 ? 15   C   A "O4'" 1 
ATOM   307 C "C3'" . C   A 1 15 ? 21.776  2.774   2.180   1.00 31.30 ? 15   C   A "C3'" 1 
ATOM   308 O "O3'" . C   A 1 15 ? 23.120  2.692   1.846   1.00 31.32 ? 15   C   A "O3'" 1 
ATOM   309 C "C2'" . C   A 1 15 ? 20.913  2.771   0.939   1.00 28.68 ? 15   C   A "C2'" 1 
ATOM   310 O "O2'" . C   A 1 15 ? 21.359  1.860   -0.039  1.00 24.47 ? 15   C   A "O2'" 1 
ATOM   311 C "C1'" . C   A 1 15 ? 19.598  2.303   1.525   1.00 32.07 ? 15   C   A "C1'" 1 
ATOM   312 N N1    . C   A 1 15 ? 18.664  3.469   1.865   1.00 30.96 ? 15   C   A N1    1 
ATOM   313 C C2    . C   A 1 15 ? 17.973  4.121   0.840   1.00 22.99 ? 15   C   A C2    1 
ATOM   314 O O2    . C   A 1 15 ? 18.129  3.752   -0.311  1.00 21.45 ? 15   C   A O2    1 
ATOM   315 N N3    . C   A 1 15 ? 17.146  5.134   1.133   1.00 28.07 ? 15   C   A N3    1 
ATOM   316 C C4    . C   A 1 15 ? 16.989  5.512   2.395   1.00 33.10 ? 15   C   A C4    1 
ATOM   317 N N4    . C   A 1 15 ? 16.149  6.527   2.655   1.00 28.74 ? 15   C   A N4    1 
ATOM   318 C C5    . C   A 1 15 ? 17.696  4.859   3.459   1.00 31.88 ? 15   C   A C5    1 
ATOM   319 C C6    . C   A 1 15 ? 18.502  3.853   3.153   1.00 25.69 ? 15   C   A C6    1 
ATOM   320 P P     . C   A 1 16 ? 23.986  4.018   1.850   1.00 29.49 ? 16   C   A P     1 
ATOM   321 O OP1   . C   A 1 16 ? 25.377  3.567   2.005   1.00 39.97 ? 16   C   A OP1   1 
ATOM   322 O OP2   . C   A 1 16 ? 23.395  4.897   2.872   1.00 35.38 ? 16   C   A OP2   1 
ATOM   323 O "O5'" . C   A 1 16 ? 23.764  4.668   0.403   1.00 27.93 ? 16   C   A "O5'" 1 
ATOM   324 C "C5'" . C   A 1 16 ? 23.758  3.904   -0.823  1.00 30.49 ? 16   C   A "C5'" 1 
ATOM   325 C "C4'" . C   A 1 16 ? 23.387  4.775   -2.030  1.00 34.58 ? 16   C   A "C4'" 1 
ATOM   326 O "O4'" . C   A 1 16 ? 21.967  4.691   -2.323  1.00 36.96 ? 16   C   A "O4'" 1 
ATOM   327 C "C3'" . C   A 1 16 ? 23.693  6.276   -1.894  1.00 35.76 ? 16   C   A "C3'" 1 
ATOM   328 O "O3'" . C   A 1 16 ? 24.961  6.589   -2.457  1.00 30.10 ? 16   C   A "O3'" 1 
ATOM   329 C "C2'" . C   A 1 16 ? 22.591  6.941   -2.683  1.00 34.25 ? 16   C   A "C2'" 1 
ATOM   330 O "O2'" . C   A 1 16 ? 22.892  7.121   -4.034  1.00 33.22 ? 16   C   A "O2'" 1 
ATOM   331 C "C1'" . C   A 1 16 ? 21.434  6.004   -2.491  1.00 36.94 ? 16   C   A "C1'" 1 
ATOM   332 N N1    . C   A 1 16 ? 20.687  6.543   -1.336  1.00 35.74 ? 16   C   A N1    1 
ATOM   333 C C2    . C   A 1 16 ? 19.678  7.468   -1.600  1.00 34.84 ? 16   C   A C2    1 
ATOM   334 O O2    . C   A 1 16 ? 19.438  7.710   -2.780  1.00 36.34 ? 16   C   A O2    1 
ATOM   335 N N3    . C   A 1 16 ? 18.976  8.035   -0.580  1.00 33.08 ? 16   C   A N3    1 
ATOM   336 C C4    . C   A 1 16 ? 19.301  7.732   0.680   1.00 35.18 ? 16   C   A C4    1 
ATOM   337 N N4    . C   A 1 16 ? 18.599  8.309   1.670   1.00 32.73 ? 16   C   A N4    1 
ATOM   338 C C5    . C   A 1 16 ? 20.356  6.820   0.991   1.00 37.35 ? 16   C   A C5    1 
ATOM   339 C C6    . C   A 1 16 ? 21.036  6.265   -0.049  1.00 40.18 ? 16   C   A C6    1 
ATOM   340 O "O5'" . C   B 2 1  ? 11.269  16.284  3.430   1.00 39.86 ? 83   C   B "O5'" 1 
ATOM   341 C "C5'" . C   B 2 1  ? 10.731  17.497  2.878   1.00 43.94 ? 83   C   B "C5'" 1 
ATOM   342 C "C4'" . C   B 2 1  ? 11.385  17.889  1.547   1.00 45.04 ? 83   C   B "C4'" 1 
ATOM   343 O "O4'" . C   B 2 1  ? 12.768  18.306  1.750   1.00 44.42 ? 83   C   B "O4'" 1 
ATOM   344 C "C3'" . C   B 2 1  ? 11.464  16.800  0.484   1.00 42.47 ? 83   C   B "C3'" 1 
ATOM   345 O "O3'" . C   B 2 1  ? 10.332  16.821  -0.326  1.00 42.72 ? 83   C   B "O3'" 1 
ATOM   346 C "C2'" . C   B 2 1  ? 12.726  17.166  -0.286  1.00 41.01 ? 83   C   B "C2'" 1 
ATOM   347 O "O2'" . C   B 2 1  ? 12.523  18.191  -1.238  1.00 45.65 ? 83   C   B "O2'" 1 
ATOM   348 C "C1'" . C   B 2 1  ? 13.627  17.633  0.856   1.00 43.17 ? 83   C   B "C1'" 1 
ATOM   349 N N1    . C   B 2 1  ? 14.310  16.528  1.607   1.00 40.90 ? 83   C   B N1    1 
ATOM   350 C C2    . C   B 2 1  ? 15.307  15.746  0.956   1.00 45.14 ? 83   C   B C2    1 
ATOM   351 O O2    . C   B 2 1  ? 15.636  15.965  -0.244  1.00 42.96 ? 83   C   B O2    1 
ATOM   352 N N3    . C   B 2 1  ? 15.901  14.740  1.652   1.00 44.02 ? 83   C   B N3    1 
ATOM   353 C C4    . C   B 2 1  ? 15.542  14.505  2.920   1.00 40.89 ? 83   C   B C4    1 
ATOM   354 N N4    . C   B 2 1  ? 16.136  13.516  3.595   1.00 38.91 ? 83   C   B N4    1 
ATOM   355 C C5    . C   B 2 1  ? 14.545  15.277  3.570   1.00 40.86 ? 83   C   B C5    1 
ATOM   356 C C6    . C   B 2 1  ? 13.962  16.262  2.888   1.00 37.95 ? 83   C   B C6    1 
ATOM   357 P P     . G   B 2 2  ? 9.702   15.451  -0.892  1.00 44.25 ? 84   G   B P     1 
ATOM   358 O OP1   . G   B 2 2  ? 8.630   15.864  -1.867  1.00 36.45 ? 84   G   B OP1   1 
ATOM   359 O OP2   . G   B 2 2  ? 9.407   14.541  0.292   1.00 32.26 ? 84   G   B OP2   1 
ATOM   360 O "O5'" . G   B 2 2  ? 10.862  14.793  -1.819  1.00 36.64 ? 84   G   B "O5'" 1 
ATOM   361 C "C5'" . G   B 2 2  ? 11.043  15.434  -3.066  1.00 40.86 ? 84   G   B "C5'" 1 
ATOM   362 C "C4'" . G   B 2 2  ? 12.064  14.764  -3.969  1.00 42.39 ? 84   G   B "C4'" 1 
ATOM   363 O "O4'" . G   B 2 2  ? 13.412  14.934  -3.440  1.00 39.21 ? 84   G   B "O4'" 1 
ATOM   364 C "C3'" . G   B 2 2  ? 11.927  13.259  -4.197  1.00 40.86 ? 84   G   B "C3'" 1 
ATOM   365 O "O3'" . G   B 2 2  ? 10.832  12.913  -5.145  1.00 40.73 ? 84   G   B "O3'" 1 
ATOM   366 C "C2'" . G   B 2 2  ? 13.344  13.016  -4.753  1.00 39.87 ? 84   G   B "C2'" 1 
ATOM   367 O "O2'" . G   B 2 2  ? 13.551  13.581  -6.045  1.00 44.60 ? 84   G   B "O2'" 1 
ATOM   368 C "C1'" . G   B 2 2  ? 14.166  13.762  -3.709  1.00 37.36 ? 84   G   B "C1'" 1 
ATOM   369 N N9    . G   B 2 2  ? 14.331  13.093  -2.422  1.00 31.82 ? 84   G   B N9    1 
ATOM   370 C C8    . G   B 2 2  ? 13.633  13.325  -1.251  1.00 26.44 ? 84   G   B C8    1 
ATOM   371 N N7    . G   B 2 2  ? 14.029  12.591  -0.249  1.00 31.62 ? 84   G   B N7    1 
ATOM   372 C C5    . G   B 2 2  ? 15.034  11.810  -0.800  1.00 31.71 ? 84   G   B C5    1 
ATOM   373 C C6    . G   B 2 2  ? 15.843  10.813  -0.214  1.00 29.74 ? 84   G   B C6    1 
ATOM   374 O O6    . G   B 2 2  ? 15.826  10.417  0.962   1.00 32.01 ? 84   G   B O6    1 
ATOM   375 N N1    . G   B 2 2  ? 16.750  10.280  -1.140  1.00 28.23 ? 84   G   B N1    1 
ATOM   376 C C2    . G   B 2 2  ? 16.838  10.661  -2.468  1.00 27.04 ? 84   G   B C2    1 
ATOM   377 N N2    . G   B 2 2  ? 17.749  10.076  -3.238  1.00 27.02 ? 84   G   B N2    1 
ATOM   378 N N3    . G   B 2 2  ? 16.103  11.600  -3.014  1.00 34.83 ? 84   G   B N3    1 
ATOM   379 C C4    . G   B 2 2  ? 15.224  12.121  -2.132  1.00 32.45 ? 84   G   B C4    1 
ATOM   380 P P     . G   B 2 3  ? 9.818   11.683  -4.792  1.00 44.37 ? 85   G   B P     1 
ATOM   381 O OP1   . G   B 2 3  ? 8.703   11.680  -5.779  1.00 46.52 ? 85   G   B OP1   1 
ATOM   382 O OP2   . G   B 2 3  ? 9.533   11.721  -3.335  1.00 40.54 ? 85   G   B OP2   1 
ATOM   383 O "O5'" . G   B 2 3  ? 10.713  10.413  -5.131  1.00 36.32 ? 85   G   B "O5'" 1 
ATOM   384 C "C5'" . G   B 2 3  ? 11.175  10.331  -6.442  1.00 33.62 ? 85   G   B "C5'" 1 
ATOM   385 C "C4'" . G   B 2 3  ? 12.279  9.333   -6.573  1.00 29.44 ? 85   G   B "C4'" 1 
ATOM   386 O "O4'" . G   B 2 3  ? 13.352  9.723   -5.750  1.00 31.00 ? 85   G   B "O4'" 1 
ATOM   387 C "C3'" . G   B 2 3  ? 11.982  7.946   -6.067  1.00 27.43 ? 85   G   B "C3'" 1 
ATOM   388 O "O3'" . G   B 2 3  ? 11.170  7.293   -6.980  1.00 21.71 ? 85   G   B "O3'" 1 
ATOM   389 C "C2'" . G   B 2 3  ? 13.389  7.379   -5.966  1.00 24.33 ? 85   G   B "C2'" 1 
ATOM   390 O "O2'" . G   B 2 3  ? 13.907  6.998   -7.214  1.00 22.02 ? 85   G   B "O2'" 1 
ATOM   391 C "C1'" . G   B 2 3  ? 14.091  8.565   -5.360  1.00 27.72 ? 85   G   B "C1'" 1 
ATOM   392 N N9    . G   B 2 3  ? 14.027  8.531   -3.918  1.00 30.30 ? 85   G   B N9    1 
ATOM   393 C C8    . G   B 2 3  ? 13.143  9.238   -3.146  1.00 21.93 ? 85   G   B C8    1 
ATOM   394 N N7    . G   B 2 3  ? 13.257  8.991   -1.881  1.00 21.99 ? 85   G   B N7    1 
ATOM   395 C C5    . G   B 2 3  ? 14.287  8.067   -1.793  1.00 28.93 ? 85   G   B C5    1 
ATOM   396 C C6    . G   B 2 3  ? 14.858  7.441   -0.654  1.00 27.19 ? 85   G   B C6    1 
ATOM   397 O O6    . G   B 2 3  ? 14.553  7.601   0.521   1.00 28.51 ? 85   G   B O6    1 
ATOM   398 N N1    . G   B 2 3  ? 15.862  6.538   -0.990  1.00 27.73 ? 85   G   B N1    1 
ATOM   399 C C2    . G   B 2 3  ? 16.288  6.294   -2.269  1.00 27.51 ? 85   G   B C2    1 
ATOM   400 N N2    . G   B 2 3  ? 17.271  5.404   -2.363  1.00 16.10 ? 85   G   B N2    1 
ATOM   401 N N3    . G   B 2 3  ? 15.773  6.882   -3.381  1.00 27.71 ? 85   G   B N3    1 
ATOM   402 C C4    . G   B 2 3  ? 14.772  7.753   -3.057  1.00 30.71 ? 85   G   B C4    1 
ATOM   403 P P     . U   B 2 4  ? 10.091  6.200   -6.514  1.00 18.66 ? 86   U   B P     1 
ATOM   404 O OP1   . U   B 2 4  ? 9.323   5.920   -7.787  1.00 13.87 ? 86   U   B OP1   1 
ATOM   405 O OP2   . U   B 2 4  ? 9.406   6.573   -5.272  1.00 22.32 ? 86   U   B OP2   1 
ATOM   406 O "O5'" . U   B 2 4  ? 11.093  5.041   -6.042  1.00 19.69 ? 86   U   B "O5'" 1 
ATOM   407 C "C5'" . U   B 2 4  ? 12.052  4.431   -6.928  1.00 21.12 ? 86   U   B "C5'" 1 
ATOM   408 C "C4'" . U   B 2 4  ? 13.003  3.547   -6.155  1.00 20.91 ? 86   U   B "C4'" 1 
ATOM   409 O "O4'" . U   B 2 4  ? 13.712  4.358   -5.182  1.00 19.09 ? 86   U   B "O4'" 1 
ATOM   410 C "C3'" . U   B 2 4  ? 12.272  2.528   -5.285  1.00 20.15 ? 86   U   B "C3'" 1 
ATOM   411 O "O3'" . U   B 2 4  ? 11.869  1.444   -6.023  1.00 17.32 ? 86   U   B "O3'" 1 
ATOM   412 C "C2'" . U   B 2 4  ? 13.300  2.237   -4.197  1.00 22.09 ? 86   U   B "C2'" 1 
ATOM   413 O "O2'" . U   B 2 4  ? 14.403  1.437   -4.550  1.00 29.89 ? 86   U   B "O2'" 1 
ATOM   414 C "C1'" . U   B 2 4  ? 13.843  3.620   -3.978  1.00 25.78 ? 86   U   B "C1'" 1 
ATOM   415 N N1    . U   B 2 4  ? 13.231  4.293   -2.836  1.00 25.38 ? 86   U   B N1    1 
ATOM   416 C C2    . U   B 2 4  ? 13.799  4.002   -1.644  1.00 27.03 ? 86   U   B C2    1 
ATOM   417 O O2    . U   B 2 4  ? 14.718  3.210   -1.576  1.00 25.53 ? 86   U   B O2    1 
ATOM   418 N N3    . U   B 2 4  ? 13.261  4.642   -0.568  1.00 25.00 ? 86   U   B N3    1 
ATOM   419 C C4    . U   B 2 4  ? 12.198  5.515   -0.577  1.00 20.76 ? 86   U   B C4    1 
ATOM   420 O O4    . U   B 2 4  ? 11.842  6.030   0.468   1.00 21.59 ? 86   U   B O4    1 
ATOM   421 C C5    . U   B 2 4  ? 11.622  5.763   -1.856  1.00 21.91 ? 86   U   B C5    1 
ATOM   422 C C6    . U   B 2 4  ? 12.161  5.147   -2.935  1.00 27.98 ? 86   U   B C6    1 
ATOM   423 P P     . A   B 2 5  ? 10.708  0.433   -5.483  1.00 20.40 ? 1487 A   B P     1 
ATOM   424 O OP1   . A   B 2 5  ? 10.470  -0.478  -6.623  1.00 18.55 ? 1487 A   B OP1   1 
ATOM   425 O OP2   . A   B 2 5  ? 9.633   1.279   -4.926  1.00 22.86 ? 1487 A   B OP2   1 
ATOM   426 O "O5'" . A   B 2 5  ? 11.421  -0.321  -4.233  1.00 16.98 ? 1487 A   B "O5'" 1 
ATOM   427 C "C5'" . A   B 2 5  ? 12.359  -1.371  -4.485  1.00 17.06 ? 1487 A   B "C5'" 1 
ATOM   428 C "C4'" . A   B 2 5  ? 12.740  -2.017  -3.187  1.00 16.24 ? 1487 A   B "C4'" 1 
ATOM   429 O "O4'" . A   B 2 5  ? 13.279  -0.984  -2.341  1.00 19.75 ? 1487 A   B "O4'" 1 
ATOM   430 C "C3'" . A   B 2 5  ? 11.575  -2.551  -2.374  1.00 18.70 ? 1487 A   B "C3'" 1 
ATOM   431 O "O3'" . A   B 2 5  ? 11.181  -3.811  -2.856  1.00 17.18 ? 1487 A   B "O3'" 1 
ATOM   432 C "C2'" . A   B 2 5  ? 12.189  -2.535  -0.953  1.00 22.03 ? 1487 A   B "C2'" 1 
ATOM   433 O "O2'" . A   B 2 5  ? 13.126  -3.550  -0.643  1.00 26.46 ? 1487 A   B "O2'" 1 
ATOM   434 C "C1'" . A   B 2 5  ? 12.959  -1.227  -0.985  1.00 23.16 ? 1487 A   B "C1'" 1 
ATOM   435 N N9    . A   B 2 5  ? 12.257  -0.042  -0.452  1.00 25.25 ? 1487 A   B N9    1 
ATOM   436 C C8    . A   B 2 5  ? 11.586  0.907   -1.167  1.00 24.93 ? 1487 A   B C8    1 
ATOM   437 N N7    . A   B 2 5  ? 11.093  1.864   -0.426  1.00 24.98 ? 1487 A   B N7    1 
ATOM   438 C C5    . A   B 2 5  ? 11.457  1.491   0.866   1.00 24.34 ? 1487 A   B C5    1 
ATOM   439 C C6    . A   B 2 5  ? 11.249  2.082   2.123   1.00 21.25 ? 1487 A   B C6    1 
ATOM   440 N N6    . A   B 2 5  ? 10.592  3.207   2.303   1.00 21.05 ? 1487 A   B N6    1 
ATOM   441 N N1    . A   B 2 5  ? 11.705  1.458   3.198   1.00 19.62 ? 1487 A   B N1    1 
ATOM   442 C C2    . A   B 2 5  ? 12.368  0.342   3.012   1.00 24.37 ? 1487 A   B C2    1 
ATOM   443 N N3    . A   B 2 5  ? 12.633  -0.298  1.900   1.00 20.02 ? 1487 A   B N3    1 
ATOM   444 C C4    . A   B 2 5  ? 12.144  0.333   0.857   1.00 17.51 ? 1487 A   B C4    1 
ATOM   445 P P     . C   B 2 6  ? 9.752   -4.414  -2.562  1.00 16.74 ? 1488 C   B P     1 
ATOM   446 O OP1   . C   B 2 6  ? 9.696   -5.686  -3.323  1.00 16.38 ? 1488 C   B OP1   1 
ATOM   447 O OP2   . C   B 2 6  ? 8.728   -3.375  -2.793  1.00 21.28 ? 1488 C   B OP2   1 
ATOM   448 O "O5'" . C   B 2 6  ? 9.767   -4.651  -0.981  1.00 23.15 ? 1488 C   B "O5'" 1 
ATOM   449 C "C5'" . C   B 2 6  ? 10.454  -5.790  -0.483  1.00 22.08 ? 1488 C   B "C5'" 1 
ATOM   450 C "C4'" . C   B 2 6  ? 10.418  -5.857  1.011   1.00 19.45 ? 1488 C   B "C4'" 1 
ATOM   451 O "O4'" . C   B 2 6  ? 11.049  -4.675  1.539   1.00 19.26 ? 1488 C   B "O4'" 1 
ATOM   452 C "C3'" . C   B 2 6  ? 9.052   -5.883  1.653   1.00 20.26 ? 1488 C   B "C3'" 1 
ATOM   453 O "O3'" . C   B 2 6  ? 8.517   -7.191  1.745   1.00 23.42 ? 1488 C   B "O3'" 1 
ATOM   454 C "C2'" . C   B 2 6  ? 9.414   -5.397  3.035   1.00 19.63 ? 1488 C   B "C2'" 1 
ATOM   455 O "O2'" . C   B 2 6  ? 10.021  -6.408  3.823   1.00 17.81 ? 1488 C   B "O2'" 1 
ATOM   456 C "C1'" . C   B 2 6  ? 10.399  -4.293  2.726   1.00 20.73 ? 1488 C   B "C1'" 1 
ATOM   457 N N1    . C   B 2 6  ? 9.765   -2.926  2.515   1.00 24.95 ? 1488 C   B N1    1 
ATOM   458 C C2    . C   B 2 6  ? 9.632   -2.052  3.603   1.00 25.31 ? 1488 C   B C2    1 
ATOM   459 O O2    . C   B 2 6  ? 9.994   -2.425  4.698   1.00 36.73 ? 1488 C   B O2    1 
ATOM   460 N N3    . C   B 2 6  ? 9.116   -0.827  3.447   1.00 21.85 ? 1488 C   B N3    1 
ATOM   461 C C4    . C   B 2 6  ? 8.710   -0.446  2.232   1.00 23.76 ? 1488 C   B C4    1 
ATOM   462 N N4    . C   B 2 6  ? 8.158   0.781   2.116   1.00 19.47 ? 1488 C   B N4    1 
ATOM   463 C C5    . C   B 2 6  ? 8.842   -1.308  1.087   1.00 24.10 ? 1488 C   B C5    1 
ATOM   464 C C6    . C   B 2 6  ? 9.376   -2.531  1.273   1.00 23.09 ? 1488 C   B C6    1 
ATOM   465 P P     . U   B 2 7  ? 6.919   -7.423  1.725   1.00 26.94 ? 1489 U   B P     1 
ATOM   466 O OP1   . U   B 2 7  ? 6.744   -8.891  1.789   1.00 24.05 ? 1489 U   B OP1   1 
ATOM   467 O OP2   . U   B 2 7  ? 6.343   -6.603  0.631   1.00 19.88 ? 1489 U   B OP2   1 
ATOM   468 O "O5'" . U   B 2 7  ? 6.436   -6.762  3.074   1.00 20.42 ? 1489 U   B "O5'" 1 
ATOM   469 C "C5'" . U   B 2 7  ? 6.931   -7.320  4.277   1.00 28.34 ? 1489 U   B "C5'" 1 
ATOM   470 C "C4'" . U   B 2 7  ? 6.451   -6.529  5.481   1.00 29.44 ? 1489 U   B "C4'" 1 
ATOM   471 O "O4'" . U   B 2 7  ? 7.114   -5.259  5.471   1.00 28.12 ? 1489 U   B "O4'" 1 
ATOM   472 C "C3'" . U   B 2 7  ? 4.976   -6.141  5.509   1.00 28.98 ? 1489 U   B "C3'" 1 
ATOM   473 O "O3'" . U   B 2 7  ? 4.189   -7.189  5.902   1.00 29.91 ? 1489 U   B "O3'" 1 
ATOM   474 C "C2'" . U   B 2 7  ? 5.013   -5.041  6.538   1.00 30.42 ? 1489 U   B "C2'" 1 
ATOM   475 O "O2'" . U   B 2 7  ? 5.097   -5.545  7.854   1.00 32.84 ? 1489 U   B "O2'" 1 
ATOM   476 C "C1'" . U   B 2 7  ? 6.290   -4.324  6.125   1.00 29.72 ? 1489 U   B "C1'" 1 
ATOM   477 N N1    . U   B 2 7  ? 6.071   -3.267  5.200   1.00 30.75 ? 1489 U   B N1    1 
ATOM   478 C C2    . U   B 2 7  ? 5.744   -2.039  5.694   1.00 35.14 ? 1489 U   B C2    1 
ATOM   479 O O2    . U   B 2 7  ? 5.635   -1.819  6.898   1.00 33.26 ? 1489 U   B O2    1 
ATOM   480 N N3    . U   B 2 7  ? 5.547   -1.078  4.721   1.00 34.70 ? 1489 U   B N3    1 
ATOM   481 C C4    . U   B 2 7  ? 5.664   -1.231  3.351   1.00 31.23 ? 1489 U   B C4    1 
ATOM   482 O O4    . U   B 2 7  ? 5.451   -0.273  2.608   1.00 22.79 ? 1489 U   B O4    1 
ATOM   483 C C5    . U   B 2 7  ? 6.037   -2.560  2.927   1.00 30.85 ? 1489 U   B C5    1 
ATOM   484 C C6    . U   B 2 7  ? 6.212   -3.505  3.850   1.00 32.16 ? 1489 U   B C6    1 
ATOM   485 P P     . A   B 2 8  ? 2.655   -7.356  5.529   1.00 38.00 ? 1490 A   B P     1 
ATOM   486 O OP1   . A   B 2 8  ? 2.275   -8.697  6.048   1.00 32.30 ? 1490 A   B OP1   1 
ATOM   487 O OP2   . A   B 2 8  ? 2.452   -6.913  4.116   1.00 35.67 ? 1490 A   B OP2   1 
ATOM   488 O "O5'" . A   B 2 8  ? 1.936   -6.243  6.421   1.00 29.51 ? 1490 A   B "O5'" 1 
ATOM   489 C "C5'" . A   B 2 8  ? 2.053   -6.343  7.775   1.00 29.87 ? 1490 A   B "C5'" 1 
ATOM   490 C "C4'" . A   B 2 8  ? 1.400   -5.172  8.443   1.00 33.03 ? 1490 A   B "C4'" 1 
ATOM   491 O "O4'" . A   B 2 8  ? 2.214   -3.997  8.271   1.00 32.03 ? 1490 A   B "O4'" 1 
ATOM   492 C "C3'" . A   B 2 8  ? 0.031   -4.816  7.876   1.00 34.00 ? 1490 A   B "C3'" 1 
ATOM   493 O "O3'" . A   B 2 8  ? -0.980  -5.598  8.503   1.00 35.72 ? 1490 A   B "O3'" 1 
ATOM   494 C "C2'" . A   B 2 8  ? -0.066  -3.370  8.243   1.00 32.53 ? 1490 A   B "C2'" 1 
ATOM   495 O "O2'" . A   B 2 8  ? -0.429  -3.208  9.582   1.00 28.84 ? 1490 A   B "O2'" 1 
ATOM   496 C "C1'" . A   B 2 8  ? 1.351   -2.875  8.007   1.00 34.74 ? 1490 A   B "C1'" 1 
ATOM   497 N N9    . A   B 2 8  ? 1.590   -2.340  6.660   1.00 30.81 ? 1490 A   B N9    1 
ATOM   498 C C8    . A   B 2 8  ? 1.926   -3.064  5.553   1.00 35.41 ? 1490 A   B C8    1 
ATOM   499 N N7    . A   B 2 8  ? 2.112   -2.334  4.483   1.00 33.34 ? 1490 A   B N7    1 
ATOM   500 C C5    . A   B 2 8  ? 1.898   -1.046  4.935   1.00 27.76 ? 1490 A   B C5    1 
ATOM   501 C C6    . A   B 2 8  ? 1.946   0.187   4.282   1.00 26.90 ? 1490 A   B C6    1 
ATOM   502 N N6    . A   B 2 8  ? 2.243   0.295   2.987   1.00 22.93 ? 1490 A   B N6    1 
ATOM   503 N N1    . A   B 2 8  ? 1.679   1.290   5.015   1.00 28.99 ? 1490 A   B N1    1 
ATOM   504 C C2    . A   B 2 8  ? 1.389   1.145   6.320   1.00 20.13 ? 1490 A   B C2    1 
ATOM   505 N N3    . A   B 2 8  ? 1.311   0.035   7.038   1.00 25.10 ? 1490 A   B N3    1 
ATOM   506 C C4    . A   B 2 8  ? 1.585   -1.034  6.279   1.00 26.21 ? 1490 A   B C4    1 
ATOM   507 P P     . A   B 2 9  ? -2.464  -5.569  7.947   1.00 37.38 ? 1491 A   B P     1 
ATOM   508 O OP1   . A   B 2 9  ? -3.178  -6.736  8.481   1.00 30.10 ? 1491 A   B OP1   1 
ATOM   509 O OP2   . A   B 2 9  ? -2.498  -5.406  6.480   1.00 31.52 ? 1491 A   B OP2   1 
ATOM   510 O "O5'" . A   B 2 9  ? -2.987  -4.181  8.648   1.00 35.88 ? 1491 A   B "O5'" 1 
ATOM   511 C "C5'" . A   B 2 9  ? -4.444  -4.024  8.749   1.00 38.85 ? 1491 A   B "C5'" 1 
ATOM   512 C "C4'" . A   B 2 9  ? -4.918  -2.794  9.497   1.00 36.86 ? 1491 A   B "C4'" 1 
ATOM   513 O "O4'" . A   B 2 9  ? -4.697  -2.894  10.953  1.00 35.70 ? 1491 A   B "O4'" 1 
ATOM   514 C "C3'" . A   B 2 9  ? -4.216  -1.521  9.063   1.00 37.95 ? 1491 A   B "C3'" 1 
ATOM   515 O "O3'" . A   B 2 9  ? -5.160  -0.484  8.897   1.00 34.43 ? 1491 A   B "O3'" 1 
ATOM   516 C "C2'" . A   B 2 9  ? -3.298  -1.222  10.244  1.00 35.02 ? 1491 A   B "C2'" 1 
ATOM   517 O "O2'" . A   B 2 9  ? -2.917  0.123   10.254  1.00 32.61 ? 1491 A   B "O2'" 1 
ATOM   518 C "C1'" . A   B 2 9  ? -4.261  -1.601  11.392  1.00 40.56 ? 1491 A   B "C1'" 1 
ATOM   519 N N9    . A   B 2 9  ? -3.769  -1.665  12.814  1.00 41.24 ? 1491 A   B N9    1 
ATOM   520 C C8    . A   B 2 9  ? -4.336  -1.107  13.960  1.00 39.77 ? 1491 A   B C8    1 
ATOM   521 N N7    . A   B 2 9  ? -3.690  -1.386  15.090  1.00 38.41 ? 1491 A   B N7    1 
ATOM   522 C C5    . A   B 2 9  ? -2.626  -2.188  14.660  1.00 47.35 ? 1491 A   B C5    1 
ATOM   523 C C6    . A   B 2 9  ? -1.546  -2.838  15.333  1.00 48.50 ? 1491 A   B C6    1 
ATOM   524 N N6    . A   B 2 9  ? -1.306  -2.803  16.657  1.00 52.44 ? 1491 A   B N6    1 
ATOM   525 N N1    . A   B 2 9  ? -0.686  -3.533  14.569  1.00 48.59 ? 1491 A   B N1    1 
ATOM   526 C C2    . A   B 2 9  ? -0.869  -3.598  13.240  1.00 49.67 ? 1491 A   B C2    1 
ATOM   527 N N3    . A   B 2 9  ? -1.823  -3.066  12.494  1.00 43.95 ? 1491 A   B N3    1 
ATOM   528 C C4    . A   B 2 9  ? -2.671  -2.362  13.265  1.00 44.95 ? 1491 A   B C4    1 
ATOM   529 P P     . A   B 2 10 ? -5.994  -0.241  7.544   1.00 32.81 ? 1492 A   B P     1 
ATOM   530 O OP1   . A   B 2 10 ? -7.182  0.559   7.891   1.00 33.73 ? 1492 A   B OP1   1 
ATOM   531 O OP2   . A   B 2 10 ? -6.136  -1.508  6.795   1.00 28.64 ? 1492 A   B OP2   1 
ATOM   532 O "O5'" . A   B 2 10 ? -5.020  0.781   6.789   1.00 31.40 ? 1492 A   B "O5'" 1 
ATOM   533 C "C5'" . A   B 2 10 ? -5.020  2.112   7.153   1.00 27.25 ? 1492 A   B "C5'" 1 
ATOM   534 C "C4'" . A   B 2 10 ? -4.096  2.868   6.243   1.00 28.96 ? 1492 A   B "C4'" 1 
ATOM   535 O "O4'" . A   B 2 10 ? -2.748  2.423   6.510   1.00 30.83 ? 1492 A   B "O4'" 1 
ATOM   536 C "C3'" . A   B 2 10 ? -4.297  2.588   4.757   1.00 30.76 ? 1492 A   B "C3'" 1 
ATOM   537 O "O3'" . A   B 2 10 ? -5.116  3.526   4.143   1.00 26.86 ? 1492 A   B "O3'" 1 
ATOM   538 C "C2'" . A   B 2 10 ? -2.869  2.611   4.209   1.00 24.70 ? 1492 A   B "C2'" 1 
ATOM   539 O "O2'" . A   B 2 10 ? -2.345  3.863   4.107   1.00 18.29 ? 1492 A   B "O2'" 1 
ATOM   540 C "C1'" . A   B 2 10 ? -2.089  2.005   5.323   1.00 24.50 ? 1492 A   B "C1'" 1 
ATOM   541 N N9    . A   B 2 10 ? -1.986  0.578   5.299   1.00 25.58 ? 1492 A   B N9    1 
ATOM   542 C C8    . A   B 2 10 ? -2.249  -0.267  6.358   1.00 26.88 ? 1492 A   B C8    1 
ATOM   543 N N7    . A   B 2 10 ? -2.030  -1.530  6.089   1.00 22.91 ? 1492 A   B N7    1 
ATOM   544 C C5    . A   B 2 10 ? -1.583  -1.507  4.764   1.00 25.29 ? 1492 A   B C5    1 
ATOM   545 C C6    . A   B 2 10 ? -1.185  -2.536  3.894   1.00 23.27 ? 1492 A   B C6    1 
ATOM   546 N N6    . A   B 2 10 ? -1.190  -3.815  4.256   1.00 18.56 ? 1492 A   B N6    1 
ATOM   547 N N1    . A   B 2 10 ? -0.804  -2.189  2.640   1.00 26.78 ? 1492 A   B N1    1 
ATOM   548 C C2    . A   B 2 10 ? -0.809  -0.888  2.298   1.00 21.46 ? 1492 A   B C2    1 
ATOM   549 N N3    . A   B 2 10 ? -1.133  0.174   3.042   1.00 21.83 ? 1492 A   B N3    1 
ATOM   550 C C4    . A   B 2 10 ? -1.534  -0.210  4.266   1.00 24.10 ? 1492 A   B C4    1 
ATOM   551 P P     . A   B 2 11 ? -6.106  3.014   3.028   1.00 31.43 ? 1493 A   B P     1 
ATOM   552 O OP1   . A   B 2 11 ? -6.797  1.821   3.557   1.00 25.72 ? 1493 A   B OP1   1 
ATOM   553 O OP2   . A   B 2 11 ? -5.405  2.981   1.708   1.00 30.26 ? 1493 A   B OP2   1 
ATOM   554 O "O5'" . A   B 2 11 ? -7.130  4.242   2.939   1.00 36.18 ? 1493 A   B "O5'" 1 
ATOM   555 C "C5'" . A   B 2 11 ? -7.941  4.533   4.050   1.00 38.28 ? 1493 A   B "C5'" 1 
ATOM   556 C "C4'" . A   B 2 11 ? -8.429  5.974   4.043   1.00 38.35 ? 1493 A   B "C4'" 1 
ATOM   557 O "O4'" . A   B 2 11 ? -7.278  6.874   4.020   1.00 34.22 ? 1493 A   B "O4'" 1 
ATOM   558 C "C3'" . A   B 2 11 ? -9.313  6.378   2.845   1.00 39.00 ? 1493 A   B "C3'" 1 
ATOM   559 O "O3'" . A   B 2 11 ? -10.728 6.131   3.026   1.00 32.81 ? 1493 A   B "O3'" 1 
ATOM   560 C "C2'" . A   B 2 11 ? -9.038  7.865   2.754   1.00 37.50 ? 1493 A   B "C2'" 1 
ATOM   561 O "O2'" . A   B 2 11 ? -9.926  8.537   3.598   1.00 38.66 ? 1493 A   B "O2'" 1 
ATOM   562 C "C1'" . A   B 2 11 ? -7.559  8.001   3.182   1.00 36.71 ? 1493 A   B "C1'" 1 
ATOM   563 N N9    . A   B 2 11 ? -6.714  8.039   1.977   1.00 37.30 ? 1493 A   B N9    1 
ATOM   564 C C8    . A   B 2 11 ? -6.343  6.980   1.193   1.00 35.55 ? 1493 A   B C8    1 
ATOM   565 N N7    . A   B 2 11 ? -5.649  7.299   0.125   1.00 29.89 ? 1493 A   B N7    1 
ATOM   566 C C5    . A   B 2 11 ? -5.544  8.673   0.198   1.00 37.61 ? 1493 A   B C5    1 
ATOM   567 C C6    . A   B 2 11 ? -4.897  9.622   -0.638  1.00 38.42 ? 1493 A   B C6    1 
ATOM   568 N N6    . A   B 2 11 ? -4.230  9.299   -1.758  1.00 37.92 ? 1493 A   B N6    1 
ATOM   569 N N1    . A   B 2 11 ? -4.989  10.919  -0.288  1.00 40.75 ? 1493 A   B N1    1 
ATOM   570 C C2    . A   B 2 11 ? -5.661  11.212  0.842   1.00 45.35 ? 1493 A   B C2    1 
ATOM   571 N N3    . A   B 2 11 ? -6.301  10.411  1.716   1.00 38.93 ? 1493 A   B N3    1 
ATOM   572 C C4    . A   B 2 11 ? -6.207  9.146   1.331   1.00 38.65 ? 1493 A   B C4    1 
ATOM   573 P P     . G   B 2 12 ? -11.420 4.866   2.269   1.00 39.06 ? 1494 G   B P     1 
ATOM   574 O OP1   . G   B 2 12 ? -12.830 4.838   2.694   1.00 30.92 ? 1494 G   B OP1   1 
ATOM   575 O OP2   . G   B 2 12 ? -10.580 3.656   2.473   1.00 33.04 ? 1494 G   B OP2   1 
ATOM   576 O "O5'" . G   B 2 12 ? -11.329 5.176   0.687   1.00 36.86 ? 1494 G   B "O5'" 1 
ATOM   577 C "C5'" . G   B 2 12 ? -11.364 6.528   0.210   1.00 37.93 ? 1494 G   B "C5'" 1 
ATOM   578 C "C4'" . G   B 2 12 ? -10.499 6.771   -1.031  1.00 34.96 ? 1494 G   B "C4'" 1 
ATOM   579 O "O4'" . G   B 2 12 ? -9.092  6.649   -0.742  1.00 32.27 ? 1494 G   B "O4'" 1 
ATOM   580 C "C3'" . G   B 2 12 ? -10.726 5.864   -2.227  1.00 33.84 ? 1494 G   B "C3'" 1 
ATOM   581 O "O3'" . G   B 2 12 ? -11.864 6.273   -2.882  1.00 27.54 ? 1494 G   B "O3'" 1 
ATOM   582 C "C2'" . G   B 2 12 ? -9.470  6.177   -3.007  1.00 35.42 ? 1494 G   B "C2'" 1 
ATOM   583 O "O2'" . G   B 2 12 ? -9.504  7.452   -3.625  1.00 39.02 ? 1494 G   B "O2'" 1 
ATOM   584 C "C1'" . G   B 2 12 ? -8.451  6.094   -1.870  1.00 35.61 ? 1494 G   B "C1'" 1 
ATOM   585 N N9    . G   B 2 12 ? -8.057  4.703   -1.568  1.00 33.69 ? 1494 G   B N9    1 
ATOM   586 C C8    . G   B 2 12 ? -8.414  3.944   -0.474  1.00 31.84 ? 1494 G   B C8    1 
ATOM   587 N N7    . G   B 2 12 ? -7.951  2.737   -0.501  1.00 27.10 ? 1494 G   B N7    1 
ATOM   588 C C5    . G   B 2 12 ? -7.208  2.702   -1.683  1.00 29.41 ? 1494 G   B C5    1 
ATOM   589 C C6    . G   B 2 12 ? -6.434  1.668   -2.240  1.00 29.69 ? 1494 G   B C6    1 
ATOM   590 O O6    . G   B 2 12 ? -6.260  0.541   -1.774  1.00 27.17 ? 1494 G   B O6    1 
ATOM   591 N N1    . G   B 2 12 ? -5.859  2.034   -3.464  1.00 32.59 ? 1494 G   B N1    1 
ATOM   592 C C2    . G   B 2 12 ? -5.980  3.281   -4.064  1.00 30.60 ? 1494 G   B C2    1 
ATOM   593 N N2    . G   B 2 12 ? -5.347  3.492   -5.246  1.00 28.14 ? 1494 G   B N2    1 
ATOM   594 N N3    . G   B 2 12 ? -6.682  4.256   -3.529  1.00 31.56 ? 1494 G   B N3    1 
ATOM   595 C C4    . G   B 2 12 ? -7.269  3.895   -2.351  1.00 31.24 ? 1494 G   B C4    1 
ATOM   596 P P     . U   B 2 13 ? -12.764 5.407   -3.865  1.00 29.86 ? 1495 U   B P     1 
ATOM   597 O OP1   . U   B 2 13 ? -13.659 6.501   -4.375  1.00 40.95 ? 1495 U   B OP1   1 
ATOM   598 O OP2   . U   B 2 13 ? -13.383 4.175   -3.329  1.00 22.61 ? 1495 U   B OP2   1 
ATOM   599 O "O5'" . U   B 2 13 ? -11.826 4.874   -5.036  1.00 31.35 ? 1495 U   B "O5'" 1 
ATOM   600 C "C5'" . U   B 2 13 ? -11.226 5.776   -5.921  1.00 31.40 ? 1495 U   B "C5'" 1 
ATOM   601 C "C4'" . U   B 2 13 ? -10.263 5.002   -6.764  1.00 30.56 ? 1495 U   B "C4'" 1 
ATOM   602 O "O4'" . U   B 2 13 ? -9.247  4.468   -5.894  1.00 32.35 ? 1495 U   B "O4'" 1 
ATOM   603 C "C3'" . U   B 2 13 ? -10.804 3.758   -7.418  1.00 33.02 ? 1495 U   B "C3'" 1 
ATOM   604 O "O3'" . U   B 2 13 ? -11.633 4.078   -8.588  1.00 28.20 ? 1495 U   B "O3'" 1 
ATOM   605 C "C2'" . U   B 2 13 ? -9.486  2.989   -7.663  1.00 31.01 ? 1495 U   B "C2'" 1 
ATOM   606 O "O2'" . U   B 2 13 ? -8.624  3.540   -8.657  1.00 31.71 ? 1495 U   B "O2'" 1 
ATOM   607 C "C1'" . U   B 2 13 ? -8.776  3.220   -6.343  1.00 29.94 ? 1495 U   B "C1'" 1 
ATOM   608 N N1    . U   B 2 13 ? -8.970  2.237   -5.275  1.00 29.09 ? 1495 U   B N1    1 
ATOM   609 C C2    . U   B 2 13 ? -8.339  1.036   -5.350  1.00 29.91 ? 1495 U   B C2    1 
ATOM   610 O O2    . U   B 2 13 ? -7.640  0.746   -6.292  1.00 32.13 ? 1495 U   B O2    1 
ATOM   611 N N3    . U   B 2 13 ? -8.545  0.188   -4.294  1.00 26.99 ? 1495 U   B N3    1 
ATOM   612 C C4    . U   B 2 13 ? -9.350  0.411   -3.199  1.00 29.66 ? 1495 U   B C4    1 
ATOM   613 O O4    . U   B 2 13 ? -9.478  -0.444  -2.317  1.00 26.56 ? 1495 U   B O4    1 
ATOM   614 C C5    . U   B 2 13 ? -9.991  1.697   -3.197  1.00 33.80 ? 1495 U   B C5    1 
ATOM   615 C C6    . U   B 2 13 ? -9.781  2.540   -4.216  1.00 32.22 ? 1495 U   B C6    1 
ATOM   616 P P     . C   B 2 14 ? -13.007 3.274   -8.764  1.00 26.22 ? 1496 C   B P     1 
ATOM   617 O OP1   . C   B 2 14 ? -13.847 3.966   -9.769  1.00 31.41 ? 1496 C   B OP1   1 
ATOM   618 O OP2   . C   B 2 14 ? -13.512 3.018   -7.417  1.00 25.55 ? 1496 C   B OP2   1 
ATOM   619 O "O5'" . C   B 2 14 ? -12.567 1.865   -9.401  1.00 23.52 ? 1496 C   B "O5'" 1 
ATOM   620 C "C5'" . C   B 2 14 ? -12.069 1.861   -10.714 1.00 24.46 ? 1496 C   B "C5'" 1 
ATOM   621 C "C4'" . C   B 2 14 ? -11.194 0.673   -11.006 1.00 26.45 ? 1496 C   B "C4'" 1 
ATOM   622 O "O4'" . C   B 2 14 ? -10.097 0.593   -10.030 1.00 26.44 ? 1496 C   B "O4'" 1 
ATOM   623 C "C3'" . C   B 2 14 ? -11.883 -0.667  -10.963 1.00 28.89 ? 1496 C   B "C3'" 1 
ATOM   624 O "O3'" . C   B 2 14 ? -12.627 -0.959  -12.144 1.00 27.03 ? 1496 C   B "O3'" 1 
ATOM   625 C "C2'" . C   B 2 14 ? -10.655 -1.555  -10.797 1.00 32.05 ? 1496 C   B "C2'" 1 
ATOM   626 O "O2'" . C   B 2 14 ? -9.875  -1.718  -11.964 1.00 32.18 ? 1496 C   B "O2'" 1 
ATOM   627 C "C1'" . C   B 2 14 ? -9.847  -0.759  -9.769  1.00 29.67 ? 1496 C   B "C1'" 1 
ATOM   628 N N1    . C   B 2 14 ? -10.146 -1.104  -8.340  1.00 27.98 ? 1496 C   B N1    1 
ATOM   629 C C2    . C   B 2 14 ? -9.510  -2.212  -7.793  1.00 26.09 ? 1496 C   B C2    1 
ATOM   630 O O2    . C   B 2 14 ? -8.750  -2.863  -8.531  1.00 20.42 ? 1496 C   B O2    1 
ATOM   631 N N3    . C   B 2 14 ? -9.766  -2.549  -6.502  1.00 27.68 ? 1496 C   B N3    1 
ATOM   632 C C4    . C   B 2 14 ? -10.603 -1.800  -5.764  1.00 28.07 ? 1496 C   B C4    1 
ATOM   633 N N4    . C   B 2 14 ? -10.822 -2.123  -4.473  1.00 17.43 ? 1496 C   B N4    1 
ATOM   634 C C5    . C   B 2 14 ? -11.244 -0.659  -6.318  1.00 27.12 ? 1496 C   B C5    1 
ATOM   635 C C6    . C   B 2 14 ? -11.003 -0.365  -7.600  1.00 28.94 ? 1496 C   B C6    1 
ATOM   636 P P     . G   B 2 15 ? -13.917 -1.899  -12.079 1.00 27.34 ? 1497 G   B P     1 
ATOM   637 O OP1   . G   B 2 15 ? -14.568 -1.909  -13.400 1.00 29.25 ? 1497 G   B OP1   1 
ATOM   638 O OP2   . G   B 2 15 ? -14.735 -1.543  -10.915 1.00 32.29 ? 1497 G   B OP2   1 
ATOM   639 O "O5'" . G   B 2 15 ? -13.291 -3.285  -11.859 1.00 27.22 ? 1497 G   B "O5'" 1 
ATOM   640 C "C5'" . G   B 2 15 ? -12.775 -3.920  -13.044 1.00 29.46 ? 1497 G   B "C5'" 1 
ATOM   641 C "C4'" . G   B 2 15 ? -12.069 -5.220  -12.699 1.00 29.34 ? 1497 G   B "C4'" 1 
ATOM   642 O "O4'" . G   B 2 15 ? -11.064 -4.985  -11.665 1.00 33.63 ? 1497 G   B "O4'" 1 
ATOM   643 C "C3'" . G   B 2 15 ? -12.975 -6.264  -12.099 1.00 25.08 ? 1497 G   B "C3'" 1 
ATOM   644 O "O3'" . G   B 2 15 ? -13.650 -6.941  -13.115 1.00 25.81 ? 1497 G   B "O3'" 1 
ATOM   645 C "C2'" . G   B 2 15 ? -11.974 -7.112  -11.353 1.00 25.02 ? 1497 G   B "C2'" 1 
ATOM   646 O "O2'" . G   B 2 15 ? -11.257 -7.974  -12.159 1.00 25.69 ? 1497 G   B "O2'" 1 
ATOM   647 C "C1'" . G   B 2 15 ? -11.029 -6.086  -10.794 1.00 29.04 ? 1497 G   B "C1'" 1 
ATOM   648 N N9    . G   B 2 15 ? -11.401 -5.684  -9.455  1.00 29.80 ? 1497 G   B N9    1 
ATOM   649 C C8    . G   B 2 15 ? -12.017 -4.541  -9.053  1.00 34.55 ? 1497 G   B C8    1 
ATOM   650 N N7    . G   B 2 15 ? -12.215 -4.488  -7.762  1.00 36.46 ? 1497 G   B N7    1 
ATOM   651 C C5    . G   B 2 15 ? -11.687 -5.680  -7.292  1.00 34.55 ? 1497 G   B C5    1 
ATOM   652 C C6    . G   B 2 15 ? -11.614 -6.180  -5.977  1.00 32.13 ? 1497 G   B C6    1 
ATOM   653 O O6    . G   B 2 15 ? -12.002 -5.648  -4.944  1.00 26.95 ? 1497 G   B O6    1 
ATOM   654 N N1    . G   B 2 15 ? -11.021 -7.429  -5.936  1.00 28.59 ? 1497 G   B N1    1 
ATOM   655 C C2    . G   B 2 15 ? -10.523 -8.116  -7.025  1.00 29.93 ? 1497 G   B C2    1 
ATOM   656 N N2    . G   B 2 15 ? -9.977  -9.339  -6.758  1.00 19.20 ? 1497 G   B N2    1 
ATOM   657 N N3    . G   B 2 15 ? -10.565 -7.648  -8.276  1.00 27.19 ? 1497 G   B N3    1 
ATOM   658 C C4    . G   B 2 15 ? -11.180 -6.432  -8.322  1.00 32.31 ? 1497 G   B C4    1 
ATOM   659 P P     . C   B 2 16 ? -14.860 -7.910  -12.737 1.00 29.44 ? 98   C   B P     1 
ATOM   660 O OP1   . C   B 2 16 ? -15.246 -8.589  -14.007 1.00 34.46 ? 98   C   B OP1   1 
ATOM   661 O OP2   . C   B 2 16 ? -15.851 -7.182  -11.934 1.00 26.90 ? 98   C   B OP2   1 
ATOM   662 O "O5'" . C   B 2 16 ? -14.189 -9.000  -11.746 1.00 34.31 ? 98   C   B "O5'" 1 
ATOM   663 C "C5'" . C   B 2 16 ? -13.604 -10.182 -12.284 1.00 30.95 ? 98   C   B "C5'" 1 
ATOM   664 C "C4'" . C   B 2 16 ? -13.154 -11.127 -11.201 1.00 32.31 ? 98   C   B "C4'" 1 
ATOM   665 O "O4'" . C   B 2 16 ? -12.331 -10.419 -10.220 1.00 32.96 ? 98   C   B "O4'" 1 
ATOM   666 C "C3'" . C   B 2 16 ? -14.279 -11.777 -10.411 1.00 32.22 ? 98   C   B "C3'" 1 
ATOM   667 O "O3'" . C   B 2 16 ? -14.822 -12.965 -11.018 1.00 27.76 ? 98   C   B "O3'" 1 
ATOM   668 C "C2'" . C   B 2 16 ? -13.567 -12.083 -9.118  1.00 35.25 ? 98   C   B "C2'" 1 
ATOM   669 O "O2'" . C   B 2 16 ? -12.815 -13.265 -9.204  1.00 40.10 ? 98   C   B "O2'" 1 
ATOM   670 C "C1'" . C   B 2 16 ? -12.647 -10.879 -8.927  1.00 36.06 ? 98   C   B "C1'" 1 
ATOM   671 N N1    . C   B 2 16 ? -13.267 -9.803  -8.074  1.00 33.24 ? 98   C   B N1    1 
ATOM   672 C C2    . C   B 2 16 ? -13.322 -10.032 -6.698  1.00 38.13 ? 98   C   B C2    1 
ATOM   673 O O2    . C   B 2 16 ? -12.833 -11.108 -6.269  1.00 40.27 ? 98   C   B O2    1 
ATOM   674 N N3    . C   B 2 16 ? -13.883 -9.080  -5.877  1.00 31.55 ? 98   C   B N3    1 
ATOM   675 C C4    . C   B 2 16 ? -14.383 -7.953  -6.391  1.00 31.87 ? 98   C   B C4    1 
ATOM   676 N N4    . C   B 2 16 ? -14.901 -7.032  -5.544  1.00 29.38 ? 98   C   B N4    1 
ATOM   677 C C5    . C   B 2 16 ? -14.359 -7.717  -7.798  1.00 30.19 ? 98   C   B C5    1 
ATOM   678 C C6    . C   B 2 16 ? -13.799 -8.661  -8.594  1.00 32.91 ? 98   C   B C6    1 
ATOM   679 P P     . C   B 2 17 ? -16.375 -13.344 -10.715 1.00 41.03 ? 99   C   B P     1 
ATOM   680 O OP1   . C   B 2 17 ? -16.678 -14.436 -11.689 1.00 46.22 ? 99   C   B OP1   1 
ATOM   681 O OP2   . C   B 2 17 ? -17.217 -12.108 -10.664 1.00 38.62 ? 99   C   B OP2   1 
ATOM   682 O "O5'" . C   B 2 17 ? -16.424 -13.883 -9.185  1.00 34.98 ? 99   C   B "O5'" 1 
ATOM   683 C "C5'" . C   B 2 17 ? -15.492 -14.868 -8.768  1.00 28.93 ? 99   C   B "C5'" 1 
ATOM   684 C "C4'" . C   B 2 17 ? -15.761 -15.193 -7.326  1.00 30.92 ? 99   C   B "C4'" 1 
ATOM   685 O "O4'" . C   B 2 17 ? -15.165 -14.187 -6.468  1.00 31.61 ? 99   C   B "O4'" 1 
ATOM   686 C "C3'" . C   B 2 17 ? -17.225 -15.161 -6.943  1.00 32.20 ? 99   C   B "C3'" 1 
ATOM   687 O "O3'" . C   B 2 17 ? -17.828 -16.364 -7.304  1.00 34.38 ? 99   C   B "O3'" 1 
ATOM   688 C "C2'" . C   B 2 17 ? -17.160 -14.910 -5.447  1.00 31.61 ? 99   C   B "C2'" 1 
ATOM   689 O "O2'" . C   B 2 17 ? -16.877 -16.051 -4.660  1.00 37.25 ? 99   C   B "O2'" 1 
ATOM   690 C "C1'" . C   B 2 17 ? -16.015 -13.916 -5.373  1.00 31.98 ? 99   C   B "C1'" 1 
ATOM   691 N N1    . C   B 2 17 ? -16.453 -12.496 -5.428  1.00 34.99 ? 99   C   B N1    1 
ATOM   692 C C2    . C   B 2 17 ? -16.628 -11.854 -4.212  1.00 36.64 ? 99   C   B C2    1 
ATOM   693 O O2    . C   B 2 17 ? -16.441 -12.523 -3.187  1.00 38.19 ? 99   C   B O2    1 
ATOM   694 N N3    . C   B 2 17 ? -17.037 -10.557 -4.180  1.00 34.81 ? 99   C   B N3    1 
ATOM   695 C C4    . C   B 2 17 ? -17.261 -9.911  -5.333  1.00 38.16 ? 99   C   B C4    1 
ATOM   696 N N4    . C   B 2 17 ? -17.655 -8.622  -5.228  1.00 32.84 ? 99   C   B N4    1 
ATOM   697 C C5    . C   B 2 17 ? -17.057 -10.546 -6.634  1.00 38.09 ? 99   C   B C5    1 
ATOM   698 C C6    . C   B 2 17 ? -16.661 -11.833 -6.632  1.00 39.25 ? 99   C   B C6    1 
HETATM 699 O O     . HOH C 3 .  ? 4.132   2.717   -0.401  1.00 20.39 ? 103  HOH A O     1 
HETATM 700 O O     . HOH C 3 .  ? -20.912 -4.243  7.655   1.00 23.41 ? 104  HOH A O     1 
HETATM 701 O O     . HOH C 3 .  ? 19.587  1.588   15.727  1.00 36.38 ? 106  HOH A O     1 
HETATM 702 O O     . HOH C 3 .  ? -21.259 -2.430  -2.372  1.00 28.69 ? 107  HOH A O     1 
HETATM 703 O O     . HOH C 3 .  ? -0.956  4.641   9.151   1.00 28.49 ? 109  HOH A O     1 
HETATM 704 O O     . HOH C 3 .  ? -5.137  -3.736  -11.745 1.00 25.31 ? 111  HOH A O     1 
HETATM 705 O O     . HOH C 3 .  ? 5.125   4.838   2.711   1.00 41.23 ? 112  HOH A O     1 
HETATM 706 O O     . HOH C 3 .  ? 1.279   -2.514  -4.459  1.00 31.07 ? 113  HOH A O     1 
HETATM 707 O O     . HOH C 3 .  ? 8.828   -4.331  9.008   1.00 30.08 ? 115  HOH A O     1 
HETATM 708 O O     . HOH C 3 .  ? 13.179  5.410   10.373  1.00 38.66 ? 116  HOH A O     1 
HETATM 709 O O     . HOH C 3 .  ? 15.190  -2.255  7.113   1.00 36.96 ? 119  HOH A O     1 
HETATM 710 O O     . HOH C 3 .  ? -16.770 -4.992  -1.277  1.00 51.54 ? 122  HOH A O     1 
HETATM 711 O O     . HOH C 3 .  ? -18.415 -12.923 2.550   1.00 41.45 ? 123  HOH A O     1 
HETATM 712 O O     . HOH C 3 .  ? 16.712  7.515   5.599   1.00 30.86 ? 125  HOH A O     1 
HETATM 713 O O     . HOH C 3 .  ? -6.149  -7.079  -10.347 1.00 45.09 ? 126  HOH A O     1 
HETATM 714 O O     . HOH C 3 .  ? 17.390  5.430   7.007   1.00 22.35 ? 127  HOH A O     1 
HETATM 715 O O     . HOH C 3 .  ? -6.005  1.872   -8.673  1.00 23.57 ? 128  HOH A O     1 
HETATM 716 O O     . HOH C 3 .  ? -4.290  -3.895  -0.898  1.00 35.32 ? 129  HOH A O     1 
HETATM 717 O O     . HOH C 3 .  ? 8.007   4.806   3.358   1.00 28.99 ? 130  HOH A O     1 
HETATM 718 O O     . HOH C 3 .  ? -0.972  -4.769  -3.983  1.00 42.04 ? 132  HOH A O     1 
HETATM 719 O O     . HOH C 3 .  ? 1.327   0.322   -0.759  1.00 25.61 ? 134  HOH A O     1 
HETATM 720 O O     . HOH C 3 .  ? -4.853  -5.541  -13.377 1.00 35.91 ? 136  HOH A O     1 
HETATM 721 O O     . HOH C 3 .  ? -0.796  -4.568  -11.501 1.00 19.44 ? 139  HOH A O     1 
HETATM 722 O O     . HOH C 3 .  ? -0.295  -1.524  -1.999  1.00 36.45 ? 141  HOH A O     1 
HETATM 723 O O     . HOH C 3 .  ? -18.293 -2.112  8.141   1.00 28.00 ? 144  HOH A O     1 
HETATM 724 O O     . HOH C 3 .  ? 15.379  -0.451  11.809  1.00 35.82 ? 145  HOH A O     1 
HETATM 725 O O     . HOH C 3 .  ? -8.595  -5.693  -0.106  1.00 23.28 ? 147  HOH A O     1 
HETATM 726 O O     . HOH C 3 .  ? 19.262  7.917   4.526   1.00 26.69 ? 149  HOH A O     1 
HETATM 727 O O     . HOH C 3 .  ? -6.706  -9.080  -8.112  1.00 31.26 ? 153  HOH A O     1 
HETATM 728 O O     . HOH C 3 .  ? 10.802  3.793   15.380  1.00 47.42 ? 154  HOH A O     1 
HETATM 729 O O     . HOH C 3 .  ? -13.907 -13.675 -0.229  1.00 34.19 ? 156  HOH A O     1 
HETATM 730 O O     . HOH C 3 .  ? -21.542 0.015   -0.917  1.00 49.21 ? 158  HOH A O     1 
HETATM 731 O O     . HOH C 3 .  ? 16.817  -0.132  2.276   1.00 32.30 ? 159  HOH A O     1 
HETATM 732 O O     . HOH C 3 .  ? 2.542   2.959   -2.438  1.00 32.61 ? 160  HOH A O     1 
HETATM 733 O O     . HOH C 3 .  ? -4.780  -0.643  1.529   1.00 29.08 ? 166  HOH A O     1 
HETATM 734 O O     . HOH C 3 .  ? 21.130  4.962   10.658  1.00 36.53 ? 168  HOH A O     1 
HETATM 735 O O     . HOH C 3 .  ? 25.359  4.767   5.740   1.00 55.37 ? 169  HOH A O     1 
HETATM 736 O O     . HOH C 3 .  ? 2.869   0.903   -3.382  1.00 33.28 ? 170  HOH A O     1 
HETATM 737 O O     . HOH C 3 .  ? 16.802  1.763   13.948  1.00 37.09 ? 171  HOH A O     1 
HETATM 738 O O     . HOH D 3 .  ? 13.829  -3.571  2.477   1.00 26.70 ? 101  HOH B O     1 
HETATM 739 O O     . HOH D 3 .  ? -7.867  -3.605  -11.148 1.00 25.32 ? 102  HOH B O     1 
HETATM 740 O O     . HOH D 3 .  ? -11.192 -1.122  -14.236 1.00 20.77 ? 105  HOH B O     1 
HETATM 741 O O     . HOH D 3 .  ? 9.310   3.672   -1.589  1.00 31.36 ? 108  HOH B O     1 
HETATM 742 O O     . HOH D 3 .  ? -13.105 0.473   -14.927 1.00 27.68 ? 110  HOH B O     1 
HETATM 743 O O     . HOH D 3 .  ? -12.355 8.140   3.436   1.00 30.81 ? 114  HOH B O     1 
HETATM 744 O O     . HOH D 3 .  ? 16.322  11.438  -6.558  1.00 43.26 ? 117  HOH B O     1 
HETATM 745 O O     . HOH D 3 .  ? -13.367 6.489   -9.096  1.00 34.78 ? 118  HOH B O     1 
HETATM 746 O O     . HOH D 3 .  ? 17.531  3.564   -5.618  1.00 27.74 ? 120  HOH B O     1 
HETATM 747 O O     . HOH D 3 .  ? -16.596 0.546   -10.548 1.00 32.31 ? 121  HOH B O     1 
HETATM 748 O O     . HOH D 3 .  ? 9.012   5.081   1.171   1.00 28.82 ? 124  HOH B O     1 
HETATM 749 O O     . HOH D 3 .  ? -14.043 -2.441  -5.640  1.00 30.87 ? 131  HOH B O     1 
HETATM 750 O O     . HOH D 3 .  ? 10.076  -6.867  6.748   1.00 38.48 ? 133  HOH B O     1 
HETATM 751 O O     . HOH D 3 .  ? -17.259 -4.907  -6.705  1.00 33.01 ? 135  HOH B O     1 
HETATM 752 O O     . HOH D 3 .  ? 2.953   -1.578  0.773   1.00 43.29 ? 137  HOH B O     1 
HETATM 753 O O     . HOH D 3 .  ? 8.525   -5.756  -6.167  1.00 37.25 ? 138  HOH B O     1 
HETATM 754 O O     . HOH D 3 .  ? 6.094   -7.404  -1.652  1.00 24.96 ? 140  HOH B O     1 
HETATM 755 O O     . HOH D 3 .  ? 10.670  -5.124  -7.867  1.00 35.41 ? 142  HOH B O     1 
HETATM 756 O O     . HOH D 3 .  ? 8.080   5.304   -3.509  1.00 40.50 ? 143  HOH B O     1 
HETATM 757 O O     . HOH D 3 .  ? -18.472 -7.189  -7.677  1.00 33.76 ? 146  HOH B O     1 
HETATM 758 O O     . HOH D 3 .  ? -0.036  -6.032  3.028   1.00 33.59 ? 148  HOH B O     1 
HETATM 759 O O     . HOH D 3 .  ? 8.289   -10.587 3.603   1.00 25.89 ? 150  HOH B O     1 
HETATM 760 O O     . HOH D 3 .  ? 8.513   -0.486  -2.462  1.00 30.79 ? 151  HOH B O     1 
HETATM 761 O O     . HOH D 3 .  ? 12.975  -2.164  -8.040  1.00 32.95 ? 152  HOH B O     1 
HETATM 762 O O     . HOH D 3 .  ? -1.514  -7.536  10.616  1.00 34.20 ? 155  HOH B O     1 
HETATM 763 O O     . HOH D 3 .  ? -13.166 -0.745  -3.655  1.00 22.05 ? 157  HOH B O     1 
HETATM 764 O O     . HOH D 3 .  ? -12.241 -2.423  -0.929  1.00 38.58 ? 161  HOH B O     1 
HETATM 765 O O     . HOH D 3 .  ? -20.826 -8.959  -7.165  1.00 45.49 ? 162  HOH B O     1 
HETATM 766 O O     . HOH D 3 .  ? -17.678 -8.022  -14.992 1.00 28.05 ? 163  HOH B O     1 
HETATM 767 O O     . HOH D 3 .  ? -4.115  -9.252  11.844  1.00 40.54 ? 164  HOH B O     1 
HETATM 768 O O     . HOH D 3 .  ? 7.163   -10.436 6.975   1.00 40.75 ? 165  HOH B O     1 
HETATM 769 O O     . HOH D 3 .  ? -1.650  -9.699  8.597   1.00 26.28 ? 167  HOH B O     1 
# 
loop_
_pdbx_poly_seq_scheme.asym_id 
_pdbx_poly_seq_scheme.entity_id 
_pdbx_poly_seq_scheme.seq_id 
_pdbx_poly_seq_scheme.mon_id 
_pdbx_poly_seq_scheme.ndb_seq_num 
_pdbx_poly_seq_scheme.pdb_seq_num 
_pdbx_poly_seq_scheme.auth_seq_num 
_pdbx_poly_seq_scheme.pdb_mon_id 
_pdbx_poly_seq_scheme.auth_mon_id 
_pdbx_poly_seq_scheme.pdb_strand_id 
_pdbx_poly_seq_scheme.pdb_ins_code 
_pdbx_poly_seq_scheme.hetero 
A 1 1  G 1  1    1    G G A . n 
A 1 2  G 2  2    2    G G A . n 
A 1 3  G 3  3    3    G G A . n 
A 1 4  C 4  1404 1404 C C A . n 
A 1 5  G 5  1405 1405 G G A . n 
A 1 6  U 6  1406 1406 U U A . n 
A 1 7  C 7  1407 1407 C C A . n 
A 1 8  G 8  1408 1408 G G A . n 
A 1 9  C 9  1409 1409 C C A . n 
A 1 10 U 10 1410 1410 U U A . n 
A 1 11 A 11 1411 1411 A A A . n 
A 1 12 G 12 1412 1412 G G A . n 
A 1 13 U 13 1413 1413 U U A . n 
A 1 14 A 14 14   14   A A A . n 
A 1 15 C 15 15   15   C C A . n 
A 1 16 C 16 16   16   C C A . n 
B 2 1  C 1  83   83   C C B . n 
B 2 2  G 2  84   84   G G B . n 
B 2 3  G 3  85   85   G G B . n 
B 2 4  U 4  86   86   U U B . n 
B 2 5  A 5  1487 1487 A A B . n 
B 2 6  C 6  1488 1488 C C B . n 
B 2 7  U 7  1489 1489 U U B . n 
B 2 8  A 8  1490 1490 A A B . n 
B 2 9  A 9  1491 1491 A A B . n 
B 2 10 A 10 1492 1492 A A B . n 
B 2 11 A 11 1493 1493 A A B . n 
B 2 12 G 12 1494 1494 G G B . n 
B 2 13 U 13 1495 1495 U U B . n 
B 2 14 C 14 1496 1496 C C B . n 
B 2 15 G 15 1497 1497 G G B . n 
B 2 16 C 16 98   98   C C B . n 
B 2 17 C 17 99   99   C C B . n 
# 
loop_
_pdbx_nonpoly_scheme.asym_id 
_pdbx_nonpoly_scheme.entity_id 
_pdbx_nonpoly_scheme.mon_id 
_pdbx_nonpoly_scheme.ndb_seq_num 
_pdbx_nonpoly_scheme.pdb_seq_num 
_pdbx_nonpoly_scheme.auth_seq_num 
_pdbx_nonpoly_scheme.pdb_mon_id 
_pdbx_nonpoly_scheme.auth_mon_id 
_pdbx_nonpoly_scheme.pdb_strand_id 
_pdbx_nonpoly_scheme.pdb_ins_code 
C 3 HOH 1  103 103 HOH HOH A . 
C 3 HOH 2  104 104 HOH HOH A . 
C 3 HOH 3  106 106 HOH HOH A . 
C 3 HOH 4  107 107 HOH HOH A . 
C 3 HOH 5  109 109 HOH HOH A . 
C 3 HOH 6  111 111 HOH HOH A . 
C 3 HOH 7  112 112 HOH HOH A . 
C 3 HOH 8  113 113 HOH HOH A . 
C 3 HOH 9  115 115 HOH HOH A . 
C 3 HOH 10 116 116 HOH HOH A . 
C 3 HOH 11 119 119 HOH HOH A . 
C 3 HOH 12 122 122 HOH HOH A . 
C 3 HOH 13 123 123 HOH HOH A . 
C 3 HOH 14 125 125 HOH HOH A . 
C 3 HOH 15 126 126 HOH HOH A . 
C 3 HOH 16 127 127 HOH HOH A . 
C 3 HOH 17 128 128 HOH HOH A . 
C 3 HOH 18 129 129 HOH HOH A . 
C 3 HOH 19 130 130 HOH HOH A . 
C 3 HOH 20 132 132 HOH HOH A . 
C 3 HOH 21 134 134 HOH HOH A . 
C 3 HOH 22 136 136 HOH HOH A . 
C 3 HOH 23 139 139 HOH HOH A . 
C 3 HOH 24 141 141 HOH HOH A . 
C 3 HOH 25 144 144 HOH HOH A . 
C 3 HOH 26 145 145 HOH HOH A . 
C 3 HOH 27 147 147 HOH HOH A . 
C 3 HOH 28 149 149 HOH HOH A . 
C 3 HOH 29 153 153 HOH HOH A . 
C 3 HOH 30 154 154 HOH HOH A . 
C 3 HOH 31 156 156 HOH HOH A . 
C 3 HOH 32 158 158 HOH HOH A . 
C 3 HOH 33 159 159 HOH HOH A . 
C 3 HOH 34 160 160 HOH HOH A . 
C 3 HOH 35 166 166 HOH HOH A . 
C 3 HOH 36 168 168 HOH HOH A . 
C 3 HOH 37 169 169 HOH HOH A . 
C 3 HOH 38 170 170 HOH HOH A . 
C 3 HOH 39 171 171 HOH HOH A . 
D 3 HOH 1  101 101 HOH HOH B . 
D 3 HOH 2  102 102 HOH HOH B . 
D 3 HOH 3  105 105 HOH HOH B . 
D 3 HOH 4  108 108 HOH HOH B . 
D 3 HOH 5  110 110 HOH HOH B . 
D 3 HOH 6  114 114 HOH HOH B . 
D 3 HOH 7  117 117 HOH HOH B . 
D 3 HOH 8  118 118 HOH HOH B . 
D 3 HOH 9  120 120 HOH HOH B . 
D 3 HOH 10 121 121 HOH HOH B . 
D 3 HOH 11 124 124 HOH HOH B . 
D 3 HOH 12 131 131 HOH HOH B . 
D 3 HOH 13 133 133 HOH HOH B . 
D 3 HOH 14 135 135 HOH HOH B . 
D 3 HOH 15 137 137 HOH HOH B . 
D 3 HOH 16 138 138 HOH HOH B . 
D 3 HOH 17 140 140 HOH HOH B . 
D 3 HOH 18 142 142 HOH HOH B . 
D 3 HOH 19 143 143 HOH HOH B . 
D 3 HOH 20 146 146 HOH HOH B . 
D 3 HOH 21 148 148 HOH HOH B . 
D 3 HOH 22 150 150 HOH HOH B . 
D 3 HOH 23 151 151 HOH HOH B . 
D 3 HOH 24 152 152 HOH HOH B . 
D 3 HOH 25 155 155 HOH HOH B . 
D 3 HOH 26 157 157 HOH HOH B . 
D 3 HOH 27 161 161 HOH HOH B . 
D 3 HOH 28 162 162 HOH HOH B . 
D 3 HOH 29 163 163 HOH HOH B . 
D 3 HOH 30 164 164 HOH HOH B . 
D 3 HOH 31 165 165 HOH HOH B . 
D 3 HOH 32 167 167 HOH HOH B . 
# 
_pdbx_struct_assembly.id                   1 
_pdbx_struct_assembly.details              author_defined_assembly 
_pdbx_struct_assembly.method_details       ? 
_pdbx_struct_assembly.oligomeric_details   dimeric 
_pdbx_struct_assembly.oligomeric_count     2 
# 
_pdbx_struct_assembly_gen.assembly_id       1 
_pdbx_struct_assembly_gen.oper_expression   1 
_pdbx_struct_assembly_gen.asym_id_list      A,B,C,D 
# 
_pdbx_struct_oper_list.id                   1 
_pdbx_struct_oper_list.type                 'identity operation' 
_pdbx_struct_oper_list.name                 1_555 
_pdbx_struct_oper_list.symmetry_operation   x,y,z 
_pdbx_struct_oper_list.matrix[1][1]         1.0000000000 
_pdbx_struct_oper_list.matrix[1][2]         0.0000000000 
_pdbx_struct_oper_list.matrix[1][3]         0.0000000000 
_pdbx_struct_oper_list.vector[1]            0.0000000000 
_pdbx_struct_oper_list.matrix[2][1]         0.0000000000 
_pdbx_struct_oper_list.matrix[2][2]         1.0000000000 
_pdbx_struct_oper_list.matrix[2][3]         0.0000000000 
_pdbx_struct_oper_list.vector[2]            0.0000000000 
_pdbx_struct_oper_list.matrix[3][1]         0.0000000000 
_pdbx_struct_oper_list.matrix[3][2]         0.0000000000 
_pdbx_struct_oper_list.matrix[3][3]         1.0000000000 
_pdbx_struct_oper_list.vector[3]            0.0000000000 
# 
loop_
_pdbx_audit_revision_history.ordinal 
_pdbx_audit_revision_history.data_content_type 
_pdbx_audit_revision_history.major_revision 
_pdbx_audit_revision_history.minor_revision 
_pdbx_audit_revision_history.revision_date 
1 'Structure model' 1 0 2007-02-13 
2 'Structure model' 1 1 2008-05-01 
3 'Structure model' 1 2 2011-07-13 
4 'Structure model' 1 3 2023-08-30 
# 
_pdbx_audit_revision_details.ordinal             1 
_pdbx_audit_revision_details.revision_ordinal    1 
_pdbx_audit_revision_details.data_content_type   'Structure model' 
_pdbx_audit_revision_details.provider            repository 
_pdbx_audit_revision_details.type                'Initial release' 
_pdbx_audit_revision_details.description         ? 
_pdbx_audit_revision_details.details             ? 
# 
loop_
_pdbx_audit_revision_group.ordinal 
_pdbx_audit_revision_group.revision_ordinal 
_pdbx_audit_revision_group.data_content_type 
_pdbx_audit_revision_group.group 
1 2 'Structure model' 'Version format compliance' 
2 3 'Structure model' Advisory                    
3 3 'Structure model' 'Refinement description'    
4 3 'Structure model' 'Version format compliance' 
5 4 'Structure model' 'Data collection'           
6 4 'Structure model' 'Database references'       
7 4 'Structure model' 'Refinement description'    
# 
loop_
_pdbx_audit_revision_category.ordinal 
_pdbx_audit_revision_category.revision_ordinal 
_pdbx_audit_revision_category.data_content_type 
_pdbx_audit_revision_category.category 
1 4 'Structure model' chem_comp_atom                
2 4 'Structure model' chem_comp_bond                
3 4 'Structure model' database_2                    
4 4 'Structure model' pdbx_initial_refinement_model 
# 
loop_
_pdbx_audit_revision_item.ordinal 
_pdbx_audit_revision_item.revision_ordinal 
_pdbx_audit_revision_item.data_content_type 
_pdbx_audit_revision_item.item 
1 4 'Structure model' '_database_2.pdbx_DOI'                
2 4 'Structure model' '_database_2.pdbx_database_accession' 
# 
_pdbx_refine_tls.pdbx_refine_id   'X-RAY DIFFRACTION' 
_pdbx_refine_tls.id               1 
_pdbx_refine_tls.details          ? 
_pdbx_refine_tls.method           refined 
_pdbx_refine_tls.origin_x         0.0312 
_pdbx_refine_tls.origin_y         0.0426 
_pdbx_refine_tls.origin_z         -0.0418 
_pdbx_refine_tls.T[1][1]          0.0508 
_pdbx_refine_tls.T[2][2]          0.0490 
_pdbx_refine_tls.T[3][3]          0.0103 
_pdbx_refine_tls.T[1][2]          0.0416 
_pdbx_refine_tls.T[1][3]          0.0073 
_pdbx_refine_tls.T[2][3]          0.0158 
_pdbx_refine_tls.L[1][1]          2.2745 
_pdbx_refine_tls.L[2][2]          0.6799 
_pdbx_refine_tls.L[3][3]          0.3678 
_pdbx_refine_tls.L[1][2]          0.2152 
_pdbx_refine_tls.L[1][3]          0.4168 
_pdbx_refine_tls.L[2][3]          -0.0322 
_pdbx_refine_tls.S[1][1]          -0.0987 
_pdbx_refine_tls.S[2][2]          0.1049 
_pdbx_refine_tls.S[3][3]          -0.0063 
_pdbx_refine_tls.S[1][2]          -0.1566 
_pdbx_refine_tls.S[1][3]          0.0349 
_pdbx_refine_tls.S[2][3]          -0.0169 
_pdbx_refine_tls.S[2][1]          -0.0119 
_pdbx_refine_tls.S[3][1]          -0.0822 
_pdbx_refine_tls.S[3][2]          -0.0640 
# 
loop_
_pdbx_refine_tls_group.pdbx_refine_id 
_pdbx_refine_tls_group.id 
_pdbx_refine_tls_group.refine_tls_id 
_pdbx_refine_tls_group.beg_auth_asym_id 
_pdbx_refine_tls_group.beg_auth_seq_id 
_pdbx_refine_tls_group.end_auth_asym_id 
_pdbx_refine_tls_group.end_auth_seq_id 
_pdbx_refine_tls_group.selection_details 
_pdbx_refine_tls_group.beg_label_asym_id 
_pdbx_refine_tls_group.beg_label_seq_id 
_pdbx_refine_tls_group.end_label_asym_id 
_pdbx_refine_tls_group.end_label_seq_id 
_pdbx_refine_tls_group.selection 
'X-RAY DIFFRACTION' 1 1 A 1    A 3    ? . . . . ? 
'X-RAY DIFFRACTION' 2 1 A 1404 A 1413 ? . . . . ? 
'X-RAY DIFFRACTION' 3 1 A 14   A 16   ? . . . . ? 
'X-RAY DIFFRACTION' 4 1 B 83   B 86   ? . . . . ? 
'X-RAY DIFFRACTION' 5 1 B 1487 B 1497 ? . . . . ? 
'X-RAY DIFFRACTION' 6 1 B 98   B 99   ? . . . . ? 
'X-RAY DIFFRACTION' 7 1 A 103  A 171  ? . . . . ? 
# 
loop_
_software.name 
_software.classification 
_software.version 
_software.citation_id 
_software.pdbx_ordinal 
REFMAC   refinement        5.0 ? 1 
HKL-2000 'data collection' .   ? 2 
HKL-2000 'data reduction'  .   ? 3 
HKL-2000 'data scaling'    .   ? 4 
AMoRE    phasing           .   ? 5 
# 
_pdbx_database_remark.id     999 
_pdbx_database_remark.text   
;SEQUENCE 
THE RESIDUES THAT ARE NATURALLY OCCURING IN THE HUMAN 
RIBOSOMAL DECODING A SITE ARE NUMBERED 1404-1413 (CHAIN A) 
AND 1487-1497 (CHAIN B). THIS NUMBERING IS ADAPTED FROM 
THE BACTERIAL ESCHERICHIA COLI SEQUENCE. IN BOTH STRANDS 
TERMINAL RESIDUES ARE DISTINCT FROM HUMAN AND 
WERE INCORPORATED FOR CRYSTALLIZATION PURPOSES. THE 
INCORPORATED RESIDUES ARE NUMBERED 1-3, 14-16 (CHAIN A) 
AND 83-86,98-99 (CHAIN B). 

;
# 
_pdbx_validate_rmsd_bond.id                        1 
_pdbx_validate_rmsd_bond.PDB_model_num             1 
_pdbx_validate_rmsd_bond.auth_atom_id_1            "O5'" 
_pdbx_validate_rmsd_bond.auth_asym_id_1            B 
_pdbx_validate_rmsd_bond.auth_comp_id_1            A 
_pdbx_validate_rmsd_bond.auth_seq_id_1             1490 
_pdbx_validate_rmsd_bond.PDB_ins_code_1            ? 
_pdbx_validate_rmsd_bond.label_alt_id_1            ? 
_pdbx_validate_rmsd_bond.auth_atom_id_2            "C5'" 
_pdbx_validate_rmsd_bond.auth_asym_id_2            B 
_pdbx_validate_rmsd_bond.auth_comp_id_2            A 
_pdbx_validate_rmsd_bond.auth_seq_id_2             1490 
_pdbx_validate_rmsd_bond.PDB_ins_code_2            ? 
_pdbx_validate_rmsd_bond.label_alt_id_2            ? 
_pdbx_validate_rmsd_bond.bond_value                1.363 
_pdbx_validate_rmsd_bond.bond_target_value         1.420 
_pdbx_validate_rmsd_bond.bond_deviation            -0.057 
_pdbx_validate_rmsd_bond.bond_standard_deviation   0.009 
_pdbx_validate_rmsd_bond.linker_flag               N 
# 
loop_
_pdbx_validate_rmsd_angle.id 
_pdbx_validate_rmsd_angle.PDB_model_num 
_pdbx_validate_rmsd_angle.auth_atom_id_1 
_pdbx_validate_rmsd_angle.auth_asym_id_1 
_pdbx_validate_rmsd_angle.auth_comp_id_1 
_pdbx_validate_rmsd_angle.auth_seq_id_1 
_pdbx_validate_rmsd_angle.PDB_ins_code_1 
_pdbx_validate_rmsd_angle.label_alt_id_1 
_pdbx_validate_rmsd_angle.auth_atom_id_2 
_pdbx_validate_rmsd_angle.auth_asym_id_2 
_pdbx_validate_rmsd_angle.auth_comp_id_2 
_pdbx_validate_rmsd_angle.auth_seq_id_2 
_pdbx_validate_rmsd_angle.PDB_ins_code_2 
_pdbx_validate_rmsd_angle.label_alt_id_2 
_pdbx_validate_rmsd_angle.auth_atom_id_3 
_pdbx_validate_rmsd_angle.auth_asym_id_3 
_pdbx_validate_rmsd_angle.auth_comp_id_3 
_pdbx_validate_rmsd_angle.auth_seq_id_3 
_pdbx_validate_rmsd_angle.PDB_ins_code_3 
_pdbx_validate_rmsd_angle.label_alt_id_3 
_pdbx_validate_rmsd_angle.angle_value 
_pdbx_validate_rmsd_angle.angle_target_value 
_pdbx_validate_rmsd_angle.angle_deviation 
_pdbx_validate_rmsd_angle.angle_standard_deviation 
_pdbx_validate_rmsd_angle.linker_flag 
1 1 "O4'" A G 3    ? ? "C1'" A G 3    ? ? N9    A G 3    ? ? 113.29 108.50 4.79  0.70 N 
2 1 N1    A C 16   ? ? "C1'" A C 16   ? ? "C2'" A C 16   ? ? 105.17 112.00 -6.83 1.10 N 
3 1 "O4'" A C 16   ? ? "C1'" A C 16   ? ? N1    A C 16   ? ? 115.63 108.50 7.13  0.70 N 
4 1 "O4'" B A 1493 ? ? "C1'" B A 1493 ? ? N9    B A 1493 ? ? 112.71 108.50 4.21  0.70 N 
5 1 "C3'" B G 1494 ? ? "O3'" B G 1494 ? ? P     B U 1495 ? ? 126.99 119.70 7.29  1.20 Y 
6 1 "O3'" B G 1494 ? ? P     B U 1495 ? ? OP2   B U 1495 ? ? 117.78 110.50 7.28  1.10 Y 
# 
loop_
_chem_comp_atom.comp_id 
_chem_comp_atom.atom_id 
_chem_comp_atom.type_symbol 
_chem_comp_atom.pdbx_aromatic_flag 
_chem_comp_atom.pdbx_stereo_config 
_chem_comp_atom.pdbx_ordinal 
A   OP3    O N N 1   
A   P      P N N 2   
A   OP1    O N N 3   
A   OP2    O N N 4   
A   "O5'"  O N N 5   
A   "C5'"  C N N 6   
A   "C4'"  C N R 7   
A   "O4'"  O N N 8   
A   "C3'"  C N S 9   
A   "O3'"  O N N 10  
A   "C2'"  C N R 11  
A   "O2'"  O N N 12  
A   "C1'"  C N R 13  
A   N9     N Y N 14  
A   C8     C Y N 15  
A   N7     N Y N 16  
A   C5     C Y N 17  
A   C6     C Y N 18  
A   N6     N N N 19  
A   N1     N Y N 20  
A   C2     C Y N 21  
A   N3     N Y N 22  
A   C4     C Y N 23  
A   HOP3   H N N 24  
A   HOP2   H N N 25  
A   "H5'"  H N N 26  
A   "H5''" H N N 27  
A   "H4'"  H N N 28  
A   "H3'"  H N N 29  
A   "HO3'" H N N 30  
A   "H2'"  H N N 31  
A   "HO2'" H N N 32  
A   "H1'"  H N N 33  
A   H8     H N N 34  
A   H61    H N N 35  
A   H62    H N N 36  
A   H2     H N N 37  
C   OP3    O N N 38  
C   P      P N N 39  
C   OP1    O N N 40  
C   OP2    O N N 41  
C   "O5'"  O N N 42  
C   "C5'"  C N N 43  
C   "C4'"  C N R 44  
C   "O4'"  O N N 45  
C   "C3'"  C N S 46  
C   "O3'"  O N N 47  
C   "C2'"  C N R 48  
C   "O2'"  O N N 49  
C   "C1'"  C N R 50  
C   N1     N N N 51  
C   C2     C N N 52  
C   O2     O N N 53  
C   N3     N N N 54  
C   C4     C N N 55  
C   N4     N N N 56  
C   C5     C N N 57  
C   C6     C N N 58  
C   HOP3   H N N 59  
C   HOP2   H N N 60  
C   "H5'"  H N N 61  
C   "H5''" H N N 62  
C   "H4'"  H N N 63  
C   "H3'"  H N N 64  
C   "HO3'" H N N 65  
C   "H2'"  H N N 66  
C   "HO2'" H N N 67  
C   "H1'"  H N N 68  
C   H41    H N N 69  
C   H42    H N N 70  
C   H5     H N N 71  
C   H6     H N N 72  
G   OP3    O N N 73  
G   P      P N N 74  
G   OP1    O N N 75  
G   OP2    O N N 76  
G   "O5'"  O N N 77  
G   "C5'"  C N N 78  
G   "C4'"  C N R 79  
G   "O4'"  O N N 80  
G   "C3'"  C N S 81  
G   "O3'"  O N N 82  
G   "C2'"  C N R 83  
G   "O2'"  O N N 84  
G   "C1'"  C N R 85  
G   N9     N Y N 86  
G   C8     C Y N 87  
G   N7     N Y N 88  
G   C5     C Y N 89  
G   C6     C N N 90  
G   O6     O N N 91  
G   N1     N N N 92  
G   C2     C N N 93  
G   N2     N N N 94  
G   N3     N N N 95  
G   C4     C Y N 96  
G   HOP3   H N N 97  
G   HOP2   H N N 98  
G   "H5'"  H N N 99  
G   "H5''" H N N 100 
G   "H4'"  H N N 101 
G   "H3'"  H N N 102 
G   "HO3'" H N N 103 
G   "H2'"  H N N 104 
G   "HO2'" H N N 105 
G   "H1'"  H N N 106 
G   H8     H N N 107 
G   H1     H N N 108 
G   H21    H N N 109 
G   H22    H N N 110 
HOH O      O N N 111 
HOH H1     H N N 112 
HOH H2     H N N 113 
U   OP3    O N N 114 
U   P      P N N 115 
U   OP1    O N N 116 
U   OP2    O N N 117 
U   "O5'"  O N N 118 
U   "C5'"  C N N 119 
U   "C4'"  C N R 120 
U   "O4'"  O N N 121 
U   "C3'"  C N S 122 
U   "O3'"  O N N 123 
U   "C2'"  C N R 124 
U   "O2'"  O N N 125 
U   "C1'"  C N R 126 
U   N1     N N N 127 
U   C2     C N N 128 
U   O2     O N N 129 
U   N3     N N N 130 
U   C4     C N N 131 
U   O4     O N N 132 
U   C5     C N N 133 
U   C6     C N N 134 
U   HOP3   H N N 135 
U   HOP2   H N N 136 
U   "H5'"  H N N 137 
U   "H5''" H N N 138 
U   "H4'"  H N N 139 
U   "H3'"  H N N 140 
U   "HO3'" H N N 141 
U   "H2'"  H N N 142 
U   "HO2'" H N N 143 
U   "H1'"  H N N 144 
U   H3     H N N 145 
U   H5     H N N 146 
U   H6     H N N 147 
# 
loop_
_chem_comp_bond.comp_id 
_chem_comp_bond.atom_id_1 
_chem_comp_bond.atom_id_2 
_chem_comp_bond.value_order 
_chem_comp_bond.pdbx_aromatic_flag 
_chem_comp_bond.pdbx_stereo_config 
_chem_comp_bond.pdbx_ordinal 
A   OP3   P      sing N N 1   
A   OP3   HOP3   sing N N 2   
A   P     OP1    doub N N 3   
A   P     OP2    sing N N 4   
A   P     "O5'"  sing N N 5   
A   OP2   HOP2   sing N N 6   
A   "O5'" "C5'"  sing N N 7   
A   "C5'" "C4'"  sing N N 8   
A   "C5'" "H5'"  sing N N 9   
A   "C5'" "H5''" sing N N 10  
A   "C4'" "O4'"  sing N N 11  
A   "C4'" "C3'"  sing N N 12  
A   "C4'" "H4'"  sing N N 13  
A   "O4'" "C1'"  sing N N 14  
A   "C3'" "O3'"  sing N N 15  
A   "C3'" "C2'"  sing N N 16  
A   "C3'" "H3'"  sing N N 17  
A   "O3'" "HO3'" sing N N 18  
A   "C2'" "O2'"  sing N N 19  
A   "C2'" "C1'"  sing N N 20  
A   "C2'" "H2'"  sing N N 21  
A   "O2'" "HO2'" sing N N 22  
A   "C1'" N9     sing N N 23  
A   "C1'" "H1'"  sing N N 24  
A   N9    C8     sing Y N 25  
A   N9    C4     sing Y N 26  
A   C8    N7     doub Y N 27  
A   C8    H8     sing N N 28  
A   N7    C5     sing Y N 29  
A   C5    C6     sing Y N 30  
A   C5    C4     doub Y N 31  
A   C6    N6     sing N N 32  
A   C6    N1     doub Y N 33  
A   N6    H61    sing N N 34  
A   N6    H62    sing N N 35  
A   N1    C2     sing Y N 36  
A   C2    N3     doub Y N 37  
A   C2    H2     sing N N 38  
A   N3    C4     sing Y N 39  
C   OP3   P      sing N N 40  
C   OP3   HOP3   sing N N 41  
C   P     OP1    doub N N 42  
C   P     OP2    sing N N 43  
C   P     "O5'"  sing N N 44  
C   OP2   HOP2   sing N N 45  
C   "O5'" "C5'"  sing N N 46  
C   "C5'" "C4'"  sing N N 47  
C   "C5'" "H5'"  sing N N 48  
C   "C5'" "H5''" sing N N 49  
C   "C4'" "O4'"  sing N N 50  
C   "C4'" "C3'"  sing N N 51  
C   "C4'" "H4'"  sing N N 52  
C   "O4'" "C1'"  sing N N 53  
C   "C3'" "O3'"  sing N N 54  
C   "C3'" "C2'"  sing N N 55  
C   "C3'" "H3'"  sing N N 56  
C   "O3'" "HO3'" sing N N 57  
C   "C2'" "O2'"  sing N N 58  
C   "C2'" "C1'"  sing N N 59  
C   "C2'" "H2'"  sing N N 60  
C   "O2'" "HO2'" sing N N 61  
C   "C1'" N1     sing N N 62  
C   "C1'" "H1'"  sing N N 63  
C   N1    C2     sing N N 64  
C   N1    C6     sing N N 65  
C   C2    O2     doub N N 66  
C   C2    N3     sing N N 67  
C   N3    C4     doub N N 68  
C   C4    N4     sing N N 69  
C   C4    C5     sing N N 70  
C   N4    H41    sing N N 71  
C   N4    H42    sing N N 72  
C   C5    C6     doub N N 73  
C   C5    H5     sing N N 74  
C   C6    H6     sing N N 75  
G   OP3   P      sing N N 76  
G   OP3   HOP3   sing N N 77  
G   P     OP1    doub N N 78  
G   P     OP2    sing N N 79  
G   P     "O5'"  sing N N 80  
G   OP2   HOP2   sing N N 81  
G   "O5'" "C5'"  sing N N 82  
G   "C5'" "C4'"  sing N N 83  
G   "C5'" "H5'"  sing N N 84  
G   "C5'" "H5''" sing N N 85  
G   "C4'" "O4'"  sing N N 86  
G   "C4'" "C3'"  sing N N 87  
G   "C4'" "H4'"  sing N N 88  
G   "O4'" "C1'"  sing N N 89  
G   "C3'" "O3'"  sing N N 90  
G   "C3'" "C2'"  sing N N 91  
G   "C3'" "H3'"  sing N N 92  
G   "O3'" "HO3'" sing N N 93  
G   "C2'" "O2'"  sing N N 94  
G   "C2'" "C1'"  sing N N 95  
G   "C2'" "H2'"  sing N N 96  
G   "O2'" "HO2'" sing N N 97  
G   "C1'" N9     sing N N 98  
G   "C1'" "H1'"  sing N N 99  
G   N9    C8     sing Y N 100 
G   N9    C4     sing Y N 101 
G   C8    N7     doub Y N 102 
G   C8    H8     sing N N 103 
G   N7    C5     sing Y N 104 
G   C5    C6     sing N N 105 
G   C5    C4     doub Y N 106 
G   C6    O6     doub N N 107 
G   C6    N1     sing N N 108 
G   N1    C2     sing N N 109 
G   N1    H1     sing N N 110 
G   C2    N2     sing N N 111 
G   C2    N3     doub N N 112 
G   N2    H21    sing N N 113 
G   N2    H22    sing N N 114 
G   N3    C4     sing N N 115 
HOH O     H1     sing N N 116 
HOH O     H2     sing N N 117 
U   OP3   P      sing N N 118 
U   OP3   HOP3   sing N N 119 
U   P     OP1    doub N N 120 
U   P     OP2    sing N N 121 
U   P     "O5'"  sing N N 122 
U   OP2   HOP2   sing N N 123 
U   "O5'" "C5'"  sing N N 124 
U   "C5'" "C4'"  sing N N 125 
U   "C5'" "H5'"  sing N N 126 
U   "C5'" "H5''" sing N N 127 
U   "C4'" "O4'"  sing N N 128 
U   "C4'" "C3'"  sing N N 129 
U   "C4'" "H4'"  sing N N 130 
U   "O4'" "C1'"  sing N N 131 
U   "C3'" "O3'"  sing N N 132 
U   "C3'" "C2'"  sing N N 133 
U   "C3'" "H3'"  sing N N 134 
U   "O3'" "HO3'" sing N N 135 
U   "C2'" "O2'"  sing N N 136 
U   "C2'" "C1'"  sing N N 137 
U   "C2'" "H2'"  sing N N 138 
U   "O2'" "HO2'" sing N N 139 
U   "C1'" N1     sing N N 140 
U   "C1'" "H1'"  sing N N 141 
U   N1    C2     sing N N 142 
U   N1    C6     sing N N 143 
U   C2    O2     doub N N 144 
U   C2    N3     sing N N 145 
U   N3    C4     sing N N 146 
U   N3    H3     sing N N 147 
U   C4    O4     doub N N 148 
U   C4    C5     sing N N 149 
U   C5    C6     doub N N 150 
U   C5    H5     sing N N 151 
U   C6    H6     sing N N 152 
# 
loop_
_ndb_struct_conf_na.entry_id 
_ndb_struct_conf_na.feature 
2OE6 'double helix'         
2OE6 'a-form double helix'  
2OE6 'bulge loop'           
2OE6 'mismatched base pair' 
# 
loop_
_ndb_struct_na_base_pair.model_number 
_ndb_struct_na_base_pair.i_label_asym_id 
_ndb_struct_na_base_pair.i_label_comp_id 
_ndb_struct_na_base_pair.i_label_seq_id 
_ndb_struct_na_base_pair.i_symmetry 
_ndb_struct_na_base_pair.j_label_asym_id 
_ndb_struct_na_base_pair.j_label_comp_id 
_ndb_struct_na_base_pair.j_label_seq_id 
_ndb_struct_na_base_pair.j_symmetry 
_ndb_struct_na_base_pair.shear 
_ndb_struct_na_base_pair.stretch 
_ndb_struct_na_base_pair.stagger 
_ndb_struct_na_base_pair.buckle 
_ndb_struct_na_base_pair.propeller 
_ndb_struct_na_base_pair.opening 
_ndb_struct_na_base_pair.pair_number 
_ndb_struct_na_base_pair.pair_name 
_ndb_struct_na_base_pair.i_auth_asym_id 
_ndb_struct_na_base_pair.i_auth_seq_id 
_ndb_struct_na_base_pair.i_PDB_ins_code 
_ndb_struct_na_base_pair.j_auth_asym_id 
_ndb_struct_na_base_pair.j_auth_seq_id 
_ndb_struct_na_base_pair.j_PDB_ins_code 
_ndb_struct_na_base_pair.hbond_type_28 
_ndb_struct_na_base_pair.hbond_type_12 
1 A G 2  1_555 B C 17 1_555 -0.556 -0.079 -0.011 -1.681  -8.583  2.032   1  A_G2:C99_B      A 2    ? B 99   ? 19 1 
1 A G 3  1_555 B C 16 1_555 -0.271 -0.254 0.143  1.331   -14.397 -5.968  2  A_G3:C98_B      A 3    ? B 98   ? 19 1 
1 A C 4  1_555 B G 15 1_555 0.344  -0.124 -0.002 1.431   -12.754 -0.350  3  A_C1404:G1497_B A 1404 ? B 1497 ? 19 1 
1 A G 5  1_555 B C 14 1_555 -0.367 -0.087 -0.004 -4.514  -11.627 1.532   4  A_G1405:C1496_B A 1405 ? B 1496 ? 19 1 
1 A U 6  1_555 B U 13 1_555 -2.496 -1.614 -0.001 8.641   -16.993 -2.168  5  A_U1406:U1495_B A 1406 ? B 1495 ? ?  ? 
1 A C 7  1_555 B G 12 1_555 0.130  -0.165 -0.175 7.325   -13.189 3.609   6  A_C1407:G1494_B A 1407 ? B 1494 ? 19 1 
1 A G 8  1_555 B A 11 1_555 7.766  -5.085 -0.239 -15.247 -24.316 -50.690 7  A_G1408:A1493_B A 1408 ? B 1493 ? ?  ? 
1 A C 9  1_555 B A 10 1_555 -5.440 -0.763 0.399  17.519  -17.437 67.622  8  A_C1409:A1492_B A 1409 ? B 1492 ? ?  5 
1 A U 10 1_555 B A 8  1_555 0.217  -0.221 -0.331 -1.501  -17.548 2.635   9  A_U1410:A1490_B A 1410 ? B 1490 ? 20 1 
1 A A 11 1_555 B U 7  1_555 0.042  -0.285 0.153  -1.978  -13.200 2.346   10 A_A1411:U1489_B A 1411 ? B 1489 ? 20 1 
1 A G 12 1_555 B C 6  1_555 -0.168 -0.119 -0.170 -6.817  -18.381 3.326   11 A_G1412:C1488_B A 1412 ? B 1488 ? 19 1 
1 A U 13 1_555 B A 5  1_555 -0.225 -0.236 0.127  -0.967  -11.488 3.324   12 A_U1413:A1487_B A 1413 ? B 1487 ? 20 1 
1 A A 14 1_555 B U 4  1_555 -0.035 -0.070 -0.316 -7.501  -16.315 4.909   13 A_A14:U86_B     A 14   ? B 86   ? 20 1 
1 A C 15 1_555 B G 3  1_555 0.130  -0.162 0.017  0.813   -12.593 -0.859  14 A_C15:G85_B     A 15   ? B 85   ? 19 1 
1 A C 16 1_555 B G 2  1_555 -0.029 0.308  0.008  4.996   -13.587 7.632   15 A_C16:G84_B     A 16   ? B 84   ? ?  1 
# 
loop_
_ndb_struct_na_base_pair_step.model_number 
_ndb_struct_na_base_pair_step.i_label_asym_id_1 
_ndb_struct_na_base_pair_step.i_label_comp_id_1 
_ndb_struct_na_base_pair_step.i_label_seq_id_1 
_ndb_struct_na_base_pair_step.i_symmetry_1 
_ndb_struct_na_base_pair_step.j_label_asym_id_1 
_ndb_struct_na_base_pair_step.j_label_comp_id_1 
_ndb_struct_na_base_pair_step.j_label_seq_id_1 
_ndb_struct_na_base_pair_step.j_symmetry_1 
_ndb_struct_na_base_pair_step.i_label_asym_id_2 
_ndb_struct_na_base_pair_step.i_label_comp_id_2 
_ndb_struct_na_base_pair_step.i_label_seq_id_2 
_ndb_struct_na_base_pair_step.i_symmetry_2 
_ndb_struct_na_base_pair_step.j_label_asym_id_2 
_ndb_struct_na_base_pair_step.j_label_comp_id_2 
_ndb_struct_na_base_pair_step.j_label_seq_id_2 
_ndb_struct_na_base_pair_step.j_symmetry_2 
_ndb_struct_na_base_pair_step.shift 
_ndb_struct_na_base_pair_step.slide 
_ndb_struct_na_base_pair_step.rise 
_ndb_struct_na_base_pair_step.tilt 
_ndb_struct_na_base_pair_step.roll 
_ndb_struct_na_base_pair_step.twist 
_ndb_struct_na_base_pair_step.x_displacement 
_ndb_struct_na_base_pair_step.y_displacement 
_ndb_struct_na_base_pair_step.helical_rise 
_ndb_struct_na_base_pair_step.inclination 
_ndb_struct_na_base_pair_step.tip 
_ndb_struct_na_base_pair_step.helical_twist 
_ndb_struct_na_base_pair_step.step_number 
_ndb_struct_na_base_pair_step.step_name 
_ndb_struct_na_base_pair_step.i_auth_asym_id_1 
_ndb_struct_na_base_pair_step.i_auth_seq_id_1 
_ndb_struct_na_base_pair_step.i_PDB_ins_code_1 
_ndb_struct_na_base_pair_step.j_auth_asym_id_1 
_ndb_struct_na_base_pair_step.j_auth_seq_id_1 
_ndb_struct_na_base_pair_step.j_PDB_ins_code_1 
_ndb_struct_na_base_pair_step.i_auth_asym_id_2 
_ndb_struct_na_base_pair_step.i_auth_seq_id_2 
_ndb_struct_na_base_pair_step.i_PDB_ins_code_2 
_ndb_struct_na_base_pair_step.j_auth_asym_id_2 
_ndb_struct_na_base_pair_step.j_auth_seq_id_2 
_ndb_struct_na_base_pair_step.j_PDB_ins_code_2 
1 A G 2  1_555 B C 17 1_555 A G 3  1_555 B C 16 1_555 -0.230 -1.635 3.176 -4.103 3.931  33.139 -3.436 -0.238 2.974 6.829  7.128  
33.609 1  AA_G2G3:C98C99_BB           A 2    ? B 99   ? A 3    ? B 98   ? 
1 A G 3  1_555 B C 16 1_555 A C 4  1_555 B G 15 1_555 0.237  -1.668 3.218 3.018  1.357  37.458 -2.761 0.016  3.166 2.107  -4.689 
37.599 2  AA_G3C1404:G1497C98_BB      A 3    ? B 98   ? A 1404 ? B 1497 ? 
1 A C 4  1_555 B G 15 1_555 A G 5  1_555 B C 14 1_555 0.562  -1.577 3.262 0.687  14.592 26.386 -5.668 -0.959 2.129 29.286 -1.378 
30.097 3  AA_C1404G1405:C1496G1497_BB A 1404 ? B 1497 ? A 1405 ? B 1496 ? 
1 A G 5  1_555 B C 14 1_555 A U 6  1_555 B U 13 1_555 -0.136 -2.023 2.626 -3.685 6.146  23.313 -6.194 -0.518 2.031 14.768 8.856  
24.375 4  AA_G1405U1406:U1495C1496_BB A 1405 ? B 1496 ? A 1406 ? B 1495 ? 
1 A U 6  1_555 B U 13 1_555 A C 7  1_555 B G 12 1_555 0.196  -1.146 3.351 1.321  6.965  46.089 -2.033 -0.137 3.160 8.835  -1.676 
46.601 5  AA_U1406C1407:G1494U1495_BB A 1406 ? B 1495 ? A 1407 ? B 1494 ? 
1 A C 7  1_555 B G 12 1_555 A G 8  1_555 B A 11 1_555 -4.095 -1.960 4.239 -0.002 17.049 64.649 -2.618 3.728  3.681 15.659 0.002  
66.623 6  AA_C1407G1408:A1493G1494_BB A 1407 ? B 1494 ? A 1408 ? B 1493 ? 
1 A C 9  1_555 B A 10 1_555 A U 10 1_555 B A 8  1_555 -0.913 0.763  3.601 -0.558 8.783  77.911 0.332  0.706  3.662 6.964  0.442  
78.328 7  AA_C1409U1410:A1490A1492_BB A 1409 ? B 1492 ? A 1410 ? B 1490 ? 
1 A U 10 1_555 B A 8  1_555 A A 11 1_555 B U 7  1_555 0.110  -0.964 3.307 -5.496 11.545 31.539 -3.426 -1.033 2.740 20.231 9.630  
33.971 8  AA_U1410A1411:U1489A1490_BB A 1410 ? B 1490 ? A 1411 ? B 1489 ? 
1 A A 11 1_555 B U 7  1_555 A G 12 1_555 B C 6  1_555 -0.282 -1.170 3.305 2.253  11.822 32.465 -3.703 0.805  2.702 20.296 -3.867 
34.568 9  AA_A1411G1412:C1488U1489_BB A 1411 ? B 1489 ? A 1412 ? B 1488 ? 
1 A G 12 1_555 B C 6  1_555 A U 13 1_555 B A 5  1_555 0.585  -1.080 3.146 -2.145 7.807  30.149 -3.369 -1.461 2.740 14.678 4.034  
31.193 10 AA_G1412U1413:A1487C1488_BB A 1412 ? B 1488 ? A 1413 ? B 1487 ? 
1 A U 13 1_555 B A 5  1_555 A A 14 1_555 B U 4  1_555 0.595  -1.452 3.365 4.788  15.674 33.168 -4.310 -0.325 2.511 25.604 -7.821 
36.894 11 AA_U1413A14:U86A1487_BB     A 1413 ? B 1487 ? A 14   ? B 86   ? 
1 A A 14 1_555 B U 4  1_555 A C 15 1_555 B G 3  1_555 -0.824 -1.408 3.049 -3.546 5.840  29.018 -3.842 0.932  2.797 11.454 6.956  
29.795 12 AA_A14C15:G85U86_BB         A 14   ? B 86   ? A 15   ? B 85   ? 
1 A C 15 1_555 B G 3  1_555 A C 16 1_555 B G 2  1_555 0.059  -1.352 3.128 -0.195 9.027  32.070 -3.719 -0.133 2.659 15.948 0.345  
33.284 13 AA_C15C16:G84G85_BB         A 15   ? B 85   ? A 16   ? B 84   ? 
# 
_pdbx_entity_nonpoly.entity_id   3 
_pdbx_entity_nonpoly.name        water 
_pdbx_entity_nonpoly.comp_id     HOH 
# 
_pdbx_initial_refinement_model.id               1 
_pdbx_initial_refinement_model.entity_id_list   ? 
_pdbx_initial_refinement_model.type             'experimental model' 
_pdbx_initial_refinement_model.source_name      PDB 
_pdbx_initial_refinement_model.accession_code   2OE5 
_pdbx_initial_refinement_model.details          ? 
# 
